data_7PLR
#
_entry.id   7PLR
#
_cell.length_a   124.738
_cell.length_b   124.738
_cell.length_c   295.250
_cell.angle_alpha   90.000
_cell.angle_beta   90.000
_cell.angle_gamma   120.000
#
_symmetry.space_group_name_H-M   'P 61 2 2'
#
loop_
_entity.id
_entity.type
_entity.pdbx_description
1 polymer 'RNA-directed RNA polymerase L'
2 non-polymer 'Baloxavir acid'
3 non-polymer 'FORMIC ACID'
4 non-polymer GLYCEROL
5 non-polymer 'MANGANESE (II) ION'
6 water water
#
_entity_poly.entity_id   1
_entity_poly.type   'polypeptide(L)'
_entity_poly.pdbx_seq_one_letter_code
;GMDYQEYQQFLARINTARDACVAKDIDVDLLMARHDYFGRELCKSLNIEYRNDVPFIDIILDIRPEVDPLTIDAPHITPD
NYLYINNVLYIIDYKVSVSNESSVITYDKYYELTRDISDRLSIPIEIVIIRIDPVSRDLHINSDRFKELYPTIVVDINFN
QFFDLKQLLYEKFGDDEEFLLKVA
;
_entity_poly.pdbx_strand_id   AAA,BBB,DDD,GGG
#
# COMPACT_ATOMS: atom_id res chain seq x y z
N GLY A 1 -24.66 17.88 -23.90
CA GLY A 1 -24.20 16.71 -23.10
C GLY A 1 -23.72 15.57 -23.98
N MET A 2 -23.73 14.33 -23.45
CA MET A 2 -23.35 13.13 -24.24
C MET A 2 -24.48 12.79 -25.22
N ASP A 3 -24.16 12.00 -26.26
CA ASP A 3 -25.11 11.58 -27.33
C ASP A 3 -26.31 10.88 -26.68
N TYR A 4 -27.49 10.97 -27.33
CA TYR A 4 -28.75 10.34 -26.88
C TYR A 4 -28.66 8.82 -27.07
N GLN A 5 -28.08 8.37 -28.19
CA GLN A 5 -27.83 6.92 -28.50
C GLN A 5 -26.90 6.32 -27.44
N GLU A 6 -25.87 7.08 -27.02
CA GLU A 6 -24.84 6.66 -26.03
C GLU A 6 -25.50 6.56 -24.64
N TYR A 7 -26.33 7.54 -24.29
CA TYR A 7 -27.05 7.61 -22.99
C TYR A 7 -27.96 6.38 -22.82
N GLN A 8 -28.77 6.10 -23.83
CA GLN A 8 -29.75 4.97 -23.83
C GLN A 8 -29.01 3.65 -23.64
N GLN A 9 -27.87 3.46 -24.33
CA GLN A 9 -27.03 2.23 -24.26
C GLN A 9 -26.63 1.97 -22.80
N PHE A 10 -26.15 3.01 -22.11
CA PHE A 10 -25.78 2.95 -20.67
C PHE A 10 -27.02 2.57 -19.85
N LEU A 11 -28.17 3.19 -20.16
CA LEU A 11 -29.44 2.98 -19.43
C LEU A 11 -29.88 1.52 -19.61
N ALA A 12 -29.78 0.99 -20.82
CA ALA A 12 -30.12 -0.42 -21.17
C ALA A 12 -29.19 -1.35 -20.40
N ARG A 13 -27.88 -1.11 -20.45
CA ARG A 13 -26.84 -1.92 -19.76
C ARG A 13 -27.15 -1.95 -18.25
N ILE A 14 -27.52 -0.81 -17.64
CA ILE A 14 -27.81 -0.72 -16.19
C ILE A 14 -29.06 -1.57 -15.87
N ASN A 15 -30.08 -1.49 -16.71
CA ASN A 15 -31.40 -2.15 -16.50
C ASN A 15 -31.28 -3.66 -16.67
N THR A 16 -30.30 -4.16 -17.45
CA THR A 16 -30.13 -5.61 -17.76
C THR A 16 -29.06 -6.24 -16.86
N ALA A 17 -28.14 -5.46 -16.29
CA ALA A 17 -27.10 -5.94 -15.36
C ALA A 17 -27.74 -6.54 -14.11
N ARG A 18 -27.29 -7.74 -13.70
CA ARG A 18 -27.67 -8.42 -12.43
C ARG A 18 -26.41 -8.73 -11.60
N ASP A 19 -25.20 -8.50 -12.17
CA ASP A 19 -23.92 -9.00 -11.62
C ASP A 19 -22.98 -7.82 -11.36
N ALA A 20 -22.32 -7.83 -10.19
CA ALA A 20 -21.41 -6.76 -9.70
C ALA A 20 -20.34 -6.44 -10.75
N CYS A 21 -19.69 -7.45 -11.34
CA CYS A 21 -18.55 -7.28 -12.27
C CYS A 21 -19.02 -6.56 -13.54
N VAL A 22 -20.21 -6.88 -14.04
CA VAL A 22 -20.85 -6.19 -15.20
C VAL A 22 -21.14 -4.74 -14.81
N ALA A 23 -21.61 -4.52 -13.57
CA ALA A 23 -21.92 -3.19 -13.00
C ALA A 23 -20.64 -2.35 -12.89
N LYS A 24 -19.51 -2.94 -12.50
CA LYS A 24 -18.22 -2.21 -12.38
C LYS A 24 -17.71 -1.86 -13.78
N ASP A 25 -17.92 -2.71 -14.78
CA ASP A 25 -17.56 -2.44 -16.20
C ASP A 25 -18.32 -1.19 -16.67
N ILE A 26 -19.61 -1.09 -16.38
CA ILE A 26 -20.46 0.09 -16.71
C ILE A 26 -19.84 1.32 -16.04
N ASP A 27 -19.40 1.20 -14.78
CA ASP A 27 -18.79 2.29 -13.96
C ASP A 27 -17.52 2.79 -14.66
N VAL A 28 -16.64 1.87 -15.07
CA VAL A 28 -15.34 2.21 -15.72
C VAL A 28 -15.63 2.81 -17.10
N ASP A 29 -16.67 2.31 -17.79
CA ASP A 29 -17.08 2.80 -19.13
C ASP A 29 -17.62 4.23 -18.99
N LEU A 30 -18.40 4.52 -17.96
CA LEU A 30 -18.92 5.90 -17.68
C LEU A 30 -17.74 6.86 -17.55
N LEU A 31 -16.67 6.47 -16.85
CA LEU A 31 -15.45 7.29 -16.70
C LEU A 31 -14.79 7.50 -18.07
N MET A 32 -14.64 6.44 -18.86
CA MET A 32 -14.05 6.49 -20.23
C MET A 32 -14.88 7.41 -21.14
N ALA A 33 -16.20 7.24 -21.18
CA ALA A 33 -17.13 8.07 -21.99
C ALA A 33 -17.05 9.53 -21.54
N ARG A 34 -17.04 9.78 -20.22
CA ARG A 34 -16.94 11.13 -19.60
C ARG A 34 -15.63 11.81 -20.04
N HIS A 35 -14.52 11.08 -20.01
CA HIS A 35 -13.17 11.51 -20.46
C HIS A 35 -13.23 11.86 -21.96
N ASP A 36 -13.75 10.93 -22.77
CA ASP A 36 -13.84 11.08 -24.25
C ASP A 36 -14.76 12.24 -24.60
N TYR A 37 -15.84 12.45 -23.83
CA TYR A 37 -16.80 13.56 -24.03
C TYR A 37 -16.07 14.88 -23.80
N PHE A 38 -15.27 14.96 -22.73
CA PHE A 38 -14.44 16.13 -22.41
C PHE A 38 -13.46 16.40 -23.56
N GLY A 39 -12.74 15.36 -23.99
CA GLY A 39 -11.76 15.43 -25.10
C GLY A 39 -12.35 16.12 -26.33
N ARG A 40 -13.54 15.68 -26.74
CA ARG A 40 -14.23 16.15 -27.98
C ARG A 40 -14.59 17.63 -27.85
N GLU A 41 -15.10 18.04 -26.68
CA GLU A 41 -15.51 19.44 -26.41
C GLU A 41 -14.27 20.33 -26.25
N LEU A 42 -13.22 19.83 -25.58
CA LEU A 42 -11.90 20.51 -25.46
C LEU A 42 -11.33 20.77 -26.85
N CYS A 43 -11.23 19.72 -27.68
CA CYS A 43 -10.64 19.75 -29.05
C CYS A 43 -11.36 20.80 -29.90
N LYS A 44 -12.68 20.92 -29.76
CA LYS A 44 -13.50 21.97 -30.43
C LYS A 44 -13.00 23.35 -29.99
N SER A 45 -12.79 23.56 -28.69
CA SER A 45 -12.30 24.84 -28.12
C SER A 45 -10.90 25.16 -28.64
N LEU A 46 -10.02 24.15 -28.75
CA LEU A 46 -8.59 24.33 -29.13
C LEU A 46 -8.43 24.34 -30.66
N ASN A 47 -9.50 24.05 -31.41
CA ASN A 47 -9.48 23.95 -32.89
C ASN A 47 -8.40 22.97 -33.32
N ILE A 48 -8.39 21.77 -32.73
CA ILE A 48 -7.54 20.63 -33.19
C ILE A 48 -8.46 19.45 -33.49
N GLU A 49 -8.07 18.62 -34.46
CA GLU A 49 -8.78 17.37 -34.82
C GLU A 49 -8.88 16.50 -33.57
N TYR A 50 -10.08 16.01 -33.23
CA TYR A 50 -10.26 15.09 -32.08
C TYR A 50 -9.47 13.81 -32.35
N ARG A 51 -8.64 13.42 -31.38
CA ARG A 51 -7.85 12.17 -31.40
C ARG A 51 -7.92 11.54 -30.01
N ASN A 52 -7.52 10.28 -29.92
CA ASN A 52 -7.42 9.52 -28.66
C ASN A 52 -6.33 8.45 -28.80
N ASP A 53 -5.53 8.26 -27.76
CA ASP A 53 -4.41 7.27 -27.69
C ASP A 53 -3.80 7.10 -29.09
N VAL A 54 -3.09 8.13 -29.57
CA VAL A 54 -2.40 8.14 -30.90
C VAL A 54 -0.96 7.69 -30.67
N PRO A 55 -0.45 6.67 -31.41
CA PRO A 55 0.92 6.21 -31.22
C PRO A 55 1.92 7.33 -31.52
N PHE A 56 2.90 7.51 -30.63
CA PHE A 56 3.89 8.62 -30.70
C PHE A 56 4.62 8.59 -32.06
N ILE A 57 4.89 7.41 -32.60
CA ILE A 57 5.59 7.25 -33.91
C ILE A 57 4.77 7.90 -35.03
N ASP A 58 3.43 7.77 -34.98
CA ASP A 58 2.49 8.39 -35.96
C ASP A 58 2.55 9.93 -35.85
N ILE A 59 2.78 10.46 -34.64
CA ILE A 59 2.98 11.91 -34.37
C ILE A 59 4.28 12.36 -35.04
N ILE A 60 5.37 11.63 -34.82
CA ILE A 60 6.71 11.92 -35.40
C ILE A 60 6.59 11.91 -36.94
N LEU A 61 5.89 10.93 -37.50
CA LEU A 61 5.73 10.78 -38.97
C LEU A 61 4.86 11.92 -39.53
N ASP A 62 3.94 12.47 -38.73
CA ASP A 62 3.05 13.60 -39.14
C ASP A 62 3.86 14.91 -39.17
N ILE A 63 4.61 15.21 -38.11
CA ILE A 63 5.33 16.51 -37.92
C ILE A 63 6.63 16.50 -38.71
N ARG A 64 7.16 15.31 -39.02
CA ARG A 64 8.50 15.13 -39.64
C ARG A 64 8.43 13.94 -40.61
N PRO A 65 7.78 14.10 -41.78
CA PRO A 65 7.39 12.97 -42.61
C PRO A 65 8.51 12.24 -43.37
N GLU A 66 9.74 12.77 -43.31
CA GLU A 66 10.94 12.18 -43.96
C GLU A 66 11.60 11.14 -43.04
N VAL A 67 11.22 11.10 -41.75
CA VAL A 67 11.78 10.16 -40.74
C VAL A 67 11.46 8.72 -41.17
N ASP A 68 12.41 7.81 -41.03
CA ASP A 68 12.24 6.37 -41.35
C ASP A 68 11.47 5.72 -40.22
N PRO A 69 10.21 5.28 -40.44
CA PRO A 69 9.41 4.66 -39.37
C PRO A 69 10.01 3.33 -38.91
N LEU A 70 10.86 2.71 -39.73
CA LEU A 70 11.48 1.39 -39.45
C LEU A 70 12.59 1.52 -38.39
N THR A 71 13.28 2.67 -38.31
CA THR A 71 14.57 2.81 -37.58
C THR A 71 14.59 4.01 -36.61
N ILE A 72 13.45 4.62 -36.27
CA ILE A 72 13.41 5.82 -35.36
C ILE A 72 13.20 5.35 -33.92
N ASP A 73 14.06 5.82 -33.00
CA ASP A 73 14.01 5.49 -31.55
C ASP A 73 12.98 6.40 -30.88
N ALA A 74 11.69 6.04 -30.97
CA ALA A 74 10.55 6.79 -30.40
C ALA A 74 10.05 6.10 -29.13
N PRO A 75 9.45 6.83 -28.18
CA PRO A 75 8.89 6.21 -26.98
C PRO A 75 7.58 5.47 -27.30
N HIS A 76 7.25 4.44 -26.52
CA HIS A 76 6.01 3.62 -26.67
C HIS A 76 4.92 4.19 -25.76
N ILE A 77 4.49 5.43 -26.03
CA ILE A 77 3.40 6.13 -25.31
C ILE A 77 2.30 6.49 -26.33
N THR A 78 1.06 6.54 -25.87
CA THR A 78 -0.12 6.87 -26.71
C THR A 78 -0.88 8.03 -26.07
N PRO A 79 -0.41 9.30 -26.25
CA PRO A 79 -1.12 10.45 -25.72
C PRO A 79 -2.47 10.65 -26.42
N ASP A 80 -3.42 11.30 -25.73
CA ASP A 80 -4.79 11.57 -26.24
C ASP A 80 -4.71 12.40 -27.52
N ASN A 81 -3.83 13.40 -27.55
CA ASN A 81 -3.70 14.32 -28.71
C ASN A 81 -2.34 15.02 -28.70
N TYR A 82 -2.14 15.90 -29.67
CA TYR A 82 -0.90 16.72 -29.82
C TYR A 82 -1.21 17.94 -30.70
N LEU A 83 -0.37 18.96 -30.58
CA LEU A 83 -0.37 20.17 -31.43
C LEU A 83 1.08 20.49 -31.78
N TYR A 84 1.42 20.47 -33.07
CA TYR A 84 2.72 20.91 -33.60
C TYR A 84 2.54 22.30 -34.22
N ILE A 85 3.23 23.30 -33.66
CA ILE A 85 3.02 24.73 -34.01
C ILE A 85 4.30 25.52 -33.71
N ASN A 86 4.83 26.21 -34.72
CA ASN A 86 6.08 27.02 -34.65
C ASN A 86 7.23 26.13 -34.17
N ASN A 87 7.33 24.92 -34.73
CA ASN A 87 8.41 23.95 -34.41
C ASN A 87 8.45 23.66 -32.90
N VAL A 88 7.29 23.56 -32.26
CA VAL A 88 7.12 23.08 -30.86
C VAL A 88 6.05 21.98 -30.88
N LEU A 89 6.38 20.80 -30.35
CA LEU A 89 5.42 19.68 -30.19
C LEU A 89 4.83 19.75 -28.78
N TYR A 90 3.53 20.05 -28.67
CA TYR A 90 2.74 19.98 -27.41
C TYR A 90 2.06 18.61 -27.36
N ILE A 91 2.41 17.80 -26.36
CA ILE A 91 1.80 16.46 -26.13
C ILE A 91 0.66 16.66 -25.12
N ILE A 92 -0.57 16.51 -25.60
CA ILE A 92 -1.81 16.77 -24.82
C ILE A 92 -2.34 15.45 -24.26
N ASP A 93 -2.75 15.45 -22.98
CA ASP A 93 -3.57 14.36 -22.41
CA ASP A 93 -3.54 14.36 -22.35
C ASP A 93 -4.76 14.98 -21.66
N TYR A 94 -5.95 14.43 -21.93
CA TYR A 94 -7.23 14.84 -21.29
C TYR A 94 -7.31 14.17 -19.91
N LYS A 95 -7.75 14.91 -18.91
CA LYS A 95 -8.03 14.40 -17.53
C LYS A 95 -9.39 14.93 -17.08
N VAL A 96 -10.20 14.05 -16.48
CA VAL A 96 -11.40 14.42 -15.67
C VAL A 96 -11.16 13.87 -14.25
N SER A 97 -10.81 14.74 -13.30
CA SER A 97 -10.49 14.34 -11.92
C SER A 97 -10.60 15.54 -10.97
N VAL A 98 -10.99 15.28 -9.72
CA VAL A 98 -11.04 16.28 -8.62
C VAL A 98 -9.63 16.47 -8.06
N SER A 99 -8.71 15.54 -8.35
CA SER A 99 -7.31 15.54 -7.87
C SER A 99 -6.34 15.73 -9.05
N ASN A 100 -5.11 16.16 -8.75
CA ASN A 100 -3.99 16.28 -9.72
C ASN A 100 -3.14 14.99 -9.72
N GLU A 101 -3.46 14.03 -8.85
CA GLU A 101 -2.67 12.78 -8.66
C GLU A 101 -2.37 12.15 -10.04
N SER A 102 -3.42 11.84 -10.81
CA SER A 102 -3.32 11.14 -12.11
C SER A 102 -2.56 12.01 -13.13
N SER A 103 -2.69 13.34 -13.05
CA SER A 103 -1.96 14.31 -13.91
C SER A 103 -0.45 14.20 -13.68
N VAL A 104 -0.01 14.16 -12.42
CA VAL A 104 1.45 14.11 -12.06
C VAL A 104 2.04 12.78 -12.57
N ILE A 105 1.29 11.69 -12.49
CA ILE A 105 1.76 10.34 -12.96
C ILE A 105 2.01 10.44 -14.47
N THR A 106 1.01 10.87 -15.25
CA THR A 106 1.08 10.99 -16.73
C THR A 106 2.16 11.99 -17.14
N TYR A 107 2.23 13.15 -16.49
CA TYR A 107 3.24 14.20 -16.79
C TYR A 107 4.63 13.60 -16.61
N ASP A 108 4.95 13.11 -15.40
CA ASP A 108 6.27 12.56 -15.02
C ASP A 108 6.71 11.52 -16.06
N LYS A 109 5.79 10.65 -16.48
CA LYS A 109 6.06 9.54 -17.43
C LYS A 109 6.32 10.08 -18.84
N TYR A 110 5.42 10.93 -19.36
CA TYR A 110 5.46 11.50 -20.73
C TYR A 110 6.69 12.43 -20.86
N TYR A 111 6.96 13.23 -19.82
CA TYR A 111 8.14 14.13 -19.78
C TYR A 111 9.42 13.30 -19.93
N GLU A 112 9.60 12.35 -19.02
CA GLU A 112 10.82 11.49 -18.90
C GLU A 112 11.08 10.76 -20.21
N LEU A 113 10.02 10.24 -20.86
CA LEU A 113 10.14 9.35 -22.05
C LEU A 113 10.22 10.17 -23.35
N THR A 114 10.12 11.50 -23.31
CA THR A 114 10.18 12.38 -24.53
C THR A 114 11.48 13.20 -24.57
N ARG A 115 12.30 13.19 -23.51
CA ARG A 115 13.58 13.94 -23.46
C ARG A 115 14.46 13.56 -24.66
N ASP A 116 14.65 12.26 -24.88
CA ASP A 116 15.62 11.72 -25.88
C ASP A 116 15.17 12.13 -27.29
N ILE A 117 13.93 11.82 -27.66
CA ILE A 117 13.39 12.07 -29.02
C ILE A 117 13.35 13.57 -29.28
N SER A 118 13.17 14.38 -28.22
CA SER A 118 13.26 15.86 -28.27
C SER A 118 14.67 16.27 -28.71
N ASP A 119 15.70 15.75 -28.03
CA ASP A 119 17.12 16.01 -28.38
C ASP A 119 17.36 15.56 -29.83
N ARG A 120 16.99 14.31 -30.16
CA ARG A 120 17.21 13.67 -31.48
C ARG A 120 16.62 14.52 -32.61
N LEU A 121 15.37 14.99 -32.43
CA LEU A 121 14.61 15.75 -33.45
C LEU A 121 15.00 17.24 -33.42
N SER A 122 15.69 17.69 -32.38
CA SER A 122 15.91 19.13 -32.08
C SER A 122 14.58 19.88 -32.13
N ILE A 123 13.52 19.26 -31.59
CA ILE A 123 12.17 19.86 -31.38
C ILE A 123 11.88 19.84 -29.88
N PRO A 124 11.65 21.01 -29.24
CA PRO A 124 11.24 21.02 -27.84
C PRO A 124 9.86 20.36 -27.74
N ILE A 125 9.69 19.46 -26.76
CA ILE A 125 8.44 18.70 -26.51
C ILE A 125 7.87 19.13 -25.17
N GLU A 126 6.73 19.82 -25.19
CA GLU A 126 6.00 20.31 -23.97
C GLU A 126 4.88 19.33 -23.64
N ILE A 127 4.86 18.83 -22.40
CA ILE A 127 3.80 17.90 -21.90
C ILE A 127 2.69 18.77 -21.32
N VAL A 128 1.50 18.69 -21.92
CA VAL A 128 0.31 19.52 -21.57
C VAL A 128 -0.80 18.60 -21.06
N ILE A 129 -0.96 18.50 -19.75
CA ILE A 129 -2.12 17.81 -19.10
C ILE A 129 -3.23 18.85 -18.97
N ILE A 130 -4.35 18.62 -19.65
CA ILE A 130 -5.57 19.46 -19.55
C ILE A 130 -6.59 18.71 -18.70
N ARG A 131 -6.81 19.19 -17.47
CA ARG A 131 -7.72 18.57 -16.48
C ARG A 131 -8.94 19.47 -16.28
N ILE A 132 -10.14 18.88 -16.37
CA ILE A 132 -11.39 19.48 -15.85
C ILE A 132 -11.74 18.77 -14.54
N ASP A 133 -11.94 19.54 -13.48
CA ASP A 133 -12.58 19.06 -12.22
C ASP A 133 -14.06 18.84 -12.53
N PRO A 134 -14.59 17.61 -12.42
CA PRO A 134 -15.98 17.34 -12.80
C PRO A 134 -17.02 17.96 -11.86
N VAL A 135 -16.62 18.36 -10.65
CA VAL A 135 -17.50 19.06 -9.67
C VAL A 135 -17.46 20.57 -9.95
N SER A 136 -16.31 21.22 -9.77
CA SER A 136 -16.15 22.69 -9.91
C SER A 136 -16.30 23.10 -11.38
N ARG A 137 -16.06 22.17 -12.32
CA ARG A 137 -16.09 22.39 -13.80
C ARG A 137 -14.98 23.36 -14.20
N ASP A 138 -13.99 23.57 -13.32
CA ASP A 138 -12.81 24.44 -13.55
C ASP A 138 -11.82 23.70 -14.44
N LEU A 139 -11.16 24.44 -15.34
CA LEU A 139 -10.13 23.92 -16.27
C LEU A 139 -8.74 24.28 -15.71
N HIS A 140 -7.92 23.27 -15.44
CA HIS A 140 -6.54 23.40 -14.92
C HIS A 140 -5.56 22.86 -15.95
N ILE A 141 -4.67 23.71 -16.46
CA ILE A 141 -3.62 23.32 -17.45
C ILE A 141 -2.25 23.65 -16.85
N ASN A 142 -1.35 22.67 -16.80
CA ASN A 142 -0.01 22.80 -16.16
C ASN A 142 0.85 23.77 -16.97
N SER A 143 0.80 23.67 -18.30
CA SER A 143 1.74 24.32 -19.24
C SER A 143 1.43 25.82 -19.41
N ASP A 144 2.29 26.67 -18.84
CA ASP A 144 2.33 28.13 -19.11
C ASP A 144 2.54 28.36 -20.61
N ARG A 145 3.46 27.61 -21.22
CA ARG A 145 3.82 27.81 -22.66
C ARG A 145 2.56 27.58 -23.50
N PHE A 146 1.76 26.55 -23.20
CA PHE A 146 0.52 26.19 -23.94
C PHE A 146 -0.55 27.27 -23.76
N LYS A 147 -0.66 27.84 -22.55
CA LYS A 147 -1.69 28.85 -22.20
C LYS A 147 -1.35 30.19 -22.88
N GLU A 148 -0.06 30.49 -23.08
CA GLU A 148 0.43 31.70 -23.80
C GLU A 148 0.14 31.57 -25.30
N LEU A 149 0.12 30.34 -25.81
CA LEU A 149 -0.20 30.01 -27.23
C LEU A 149 -1.63 30.44 -27.54
N TYR A 150 -2.56 30.16 -26.64
CA TYR A 150 -4.03 30.26 -26.86
C TYR A 150 -4.60 31.47 -26.14
N PRO A 151 -5.76 31.99 -26.58
CA PRO A 151 -6.59 32.84 -25.73
C PRO A 151 -7.07 31.97 -24.56
N THR A 152 -7.64 32.58 -23.52
CA THR A 152 -8.17 31.87 -22.33
C THR A 152 -9.04 30.71 -22.83
N ILE A 153 -8.70 29.47 -22.46
CA ILE A 153 -9.36 28.24 -22.96
C ILE A 153 -10.63 27.99 -22.12
N VAL A 154 -11.80 27.95 -22.77
CA VAL A 154 -13.13 27.75 -22.12
C VAL A 154 -13.74 26.47 -22.69
N VAL A 155 -14.08 25.52 -21.80
CA VAL A 155 -14.82 24.28 -22.14
C VAL A 155 -16.07 24.25 -21.27
N ASP A 156 -17.13 24.94 -21.71
CA ASP A 156 -18.37 25.13 -20.91
C ASP A 156 -19.26 23.90 -21.10
N ILE A 157 -19.03 22.86 -20.28
CA ILE A 157 -19.78 21.58 -20.26
C ILE A 157 -20.05 21.20 -18.80
N ASN A 158 -20.90 20.19 -18.57
CA ASN A 158 -21.08 19.54 -17.25
C ASN A 158 -21.20 18.02 -17.45
N PHE A 159 -21.20 17.27 -16.36
CA PHE A 159 -21.22 15.78 -16.36
C PHE A 159 -22.42 15.28 -15.56
N ASN A 160 -23.51 16.05 -15.55
CA ASN A 160 -24.77 15.74 -14.82
C ASN A 160 -25.34 14.41 -15.32
N GLN A 161 -25.30 14.17 -16.63
CA GLN A 161 -25.80 12.93 -17.27
C GLN A 161 -24.99 11.73 -16.77
N PHE A 162 -23.68 11.88 -16.65
CA PHE A 162 -22.75 10.83 -16.14
C PHE A 162 -23.05 10.60 -14.67
N PHE A 163 -23.20 11.67 -13.89
CA PHE A 163 -23.60 11.62 -12.46
C PHE A 163 -24.91 10.85 -12.33
N ASP A 164 -25.88 11.14 -13.21
CA ASP A 164 -27.24 10.54 -13.17
C ASP A 164 -27.14 9.03 -13.44
N LEU A 165 -26.40 8.64 -14.47
CA LEU A 165 -26.23 7.21 -14.85
C LEU A 165 -25.51 6.47 -13.73
N LYS A 166 -24.52 7.10 -13.10
CA LYS A 166 -23.78 6.53 -11.95
C LYS A 166 -24.75 6.37 -10.77
N GLN A 167 -25.65 7.33 -10.56
CA GLN A 167 -26.65 7.33 -9.46
C GLN A 167 -27.60 6.13 -9.65
N LEU A 168 -28.09 5.90 -10.87
CA LEU A 168 -28.97 4.75 -11.23
C LEU A 168 -28.22 3.44 -10.97
N LEU A 169 -26.94 3.38 -11.33
CA LEU A 169 -26.08 2.19 -11.13
C LEU A 169 -26.02 1.85 -9.63
N TYR A 170 -25.91 2.86 -8.76
CA TYR A 170 -25.78 2.72 -7.29
C TYR A 170 -27.16 2.49 -6.65
N GLU A 171 -28.25 2.95 -7.27
CA GLU A 171 -29.63 2.59 -6.84
C GLU A 171 -29.74 1.05 -6.88
N LYS A 172 -29.18 0.44 -7.93
CA LYS A 172 -29.37 -0.99 -8.25
C LYS A 172 -28.29 -1.85 -7.56
N PHE A 173 -27.05 -1.36 -7.40
CA PHE A 173 -25.91 -2.19 -6.92
C PHE A 173 -25.30 -1.62 -5.63
N GLY A 174 -25.89 -0.58 -5.05
CA GLY A 174 -25.36 0.12 -3.86
C GLY A 174 -25.28 -0.75 -2.62
N ASP A 175 -26.04 -1.85 -2.54
CA ASP A 175 -26.03 -2.80 -1.39
C ASP A 175 -25.42 -4.15 -1.81
N ASP A 176 -24.69 -4.18 -2.91
CA ASP A 176 -23.91 -5.36 -3.39
C ASP A 176 -22.46 -5.15 -2.94
N GLU A 177 -22.03 -5.86 -1.89
CA GLU A 177 -20.67 -5.76 -1.31
C GLU A 177 -19.62 -5.97 -2.42
N GLU A 178 -19.88 -6.93 -3.32
CA GLU A 178 -18.91 -7.31 -4.39
C GLU A 178 -18.72 -6.12 -5.33
N PHE A 179 -19.77 -5.33 -5.57
CA PHE A 179 -19.74 -4.13 -6.45
C PHE A 179 -18.97 -2.99 -5.76
N LEU A 180 -19.25 -2.73 -4.48
CA LEU A 180 -18.71 -1.59 -3.70
C LEU A 180 -17.18 -1.72 -3.57
N LEU A 181 -16.65 -2.95 -3.55
CA LEU A 181 -15.19 -3.24 -3.45
C LEU A 181 -14.67 -3.84 -4.76
N LYS A 182 -15.36 -3.63 -5.88
CA LYS A 182 -14.95 -4.14 -7.21
C LYS A 182 -13.97 -3.12 -7.82
N VAL A 183 -12.86 -3.62 -8.39
CA VAL A 183 -11.81 -2.81 -9.06
C VAL A 183 -11.93 -3.00 -10.58
N ALA A 184 -12.02 -4.26 -11.04
CA ALA A 184 -12.05 -4.68 -12.47
C ALA A 184 -10.64 -4.55 -13.07
N GLY B 1 -21.67 22.15 9.90
CA GLY B 1 -20.53 22.36 8.97
C GLY B 1 -19.20 22.37 9.70
N MET B 2 -18.11 22.61 8.97
CA MET B 2 -16.72 22.74 9.50
C MET B 2 -16.71 23.73 10.67
N ASP B 3 -15.96 23.41 11.72
CA ASP B 3 -15.66 24.30 12.88
C ASP B 3 -15.25 25.68 12.31
N TYR B 4 -15.99 26.73 12.67
CA TYR B 4 -15.84 28.11 12.12
C TYR B 4 -14.43 28.66 12.44
N GLN B 5 -13.83 28.21 13.55
CA GLN B 5 -12.46 28.62 13.98
C GLN B 5 -11.43 27.97 13.06
N GLU B 6 -11.52 26.64 12.91
CA GLU B 6 -10.68 25.83 11.98
C GLU B 6 -10.78 26.43 10.58
N TYR B 7 -11.98 26.88 10.19
CA TYR B 7 -12.30 27.50 8.88
C TYR B 7 -11.51 28.80 8.70
N GLN B 8 -11.50 29.66 9.72
CA GLN B 8 -10.78 30.96 9.70
C GLN B 8 -9.27 30.71 9.56
N GLN B 9 -8.74 29.68 10.24
CA GLN B 9 -7.29 29.33 10.20
C GLN B 9 -6.89 28.90 8.79
N PHE B 10 -7.72 28.11 8.09
CA PHE B 10 -7.51 27.71 6.67
C PHE B 10 -7.54 28.96 5.79
N LEU B 11 -8.44 29.90 6.10
CA LEU B 11 -8.63 31.16 5.33
C LEU B 11 -7.37 32.03 5.48
N ALA B 12 -6.80 32.11 6.69
CA ALA B 12 -5.55 32.86 7.00
C ALA B 12 -4.39 32.25 6.20
N ARG B 13 -4.18 30.94 6.36
CA ARG B 13 -3.10 30.15 5.71
C ARG B 13 -3.12 30.38 4.19
N ILE B 14 -4.29 30.31 3.55
CA ILE B 14 -4.45 30.55 2.09
C ILE B 14 -4.03 31.99 1.79
N ASN B 15 -4.51 32.95 2.58
CA ASN B 15 -4.32 34.41 2.35
C ASN B 15 -2.83 34.76 2.44
N THR B 16 -2.08 34.18 3.38
CA THR B 16 -0.65 34.52 3.65
C THR B 16 0.29 33.64 2.82
N ALA B 17 -0.15 32.49 2.31
CA ALA B 17 0.66 31.56 1.48
C ALA B 17 1.09 32.27 0.20
N ARG B 18 2.36 32.13 -0.21
CA ARG B 18 2.92 32.77 -1.43
C ARG B 18 3.66 31.75 -2.30
N ASP B 19 3.79 30.50 -1.86
CA ASP B 19 4.65 29.47 -2.50
C ASP B 19 3.85 28.19 -2.74
N ALA B 20 4.06 27.57 -3.91
CA ALA B 20 3.41 26.32 -4.35
C ALA B 20 3.44 25.26 -3.24
N CYS B 21 4.59 25.06 -2.59
CA CYS B 21 4.79 23.97 -1.59
C CYS B 21 3.89 24.22 -0.37
N VAL B 22 3.76 25.48 0.07
CA VAL B 22 2.89 25.85 1.22
C VAL B 22 1.42 25.63 0.82
N ALA B 23 1.07 26.01 -0.41
CA ALA B 23 -0.30 25.88 -0.97
C ALA B 23 -0.71 24.41 -1.03
N LYS B 24 0.23 23.51 -1.37
CA LYS B 24 -0.06 22.06 -1.52
C LYS B 24 -0.31 21.46 -0.13
N ASP B 25 0.44 21.90 0.88
CA ASP B 25 0.30 21.46 2.30
C ASP B 25 -1.12 21.79 2.79
N ILE B 26 -1.68 22.94 2.38
CA ILE B 26 -3.08 23.36 2.70
C ILE B 26 -4.05 22.42 1.96
N ASP B 27 -3.78 22.14 0.68
CA ASP B 27 -4.59 21.23 -0.18
C ASP B 27 -4.74 19.86 0.52
N VAL B 28 -3.63 19.33 1.04
CA VAL B 28 -3.56 18.00 1.73
C VAL B 28 -4.28 18.11 3.08
N ASP B 29 -4.00 19.17 3.83
CA ASP B 29 -4.62 19.43 5.17
C ASP B 29 -6.15 19.52 5.05
N LEU B 30 -6.67 20.09 3.96
CA LEU B 30 -8.13 20.19 3.71
C LEU B 30 -8.73 18.78 3.57
N LEU B 31 -8.10 17.92 2.77
CA LEU B 31 -8.59 16.53 2.54
C LEU B 31 -8.60 15.78 3.89
N MET B 32 -7.60 16.02 4.74
CA MET B 32 -7.47 15.36 6.07
C MET B 32 -8.54 15.92 7.03
N ALA B 33 -8.74 17.24 7.04
CA ALA B 33 -9.76 17.93 7.86
C ALA B 33 -11.17 17.47 7.44
N ARG B 34 -11.40 17.29 6.14
CA ARG B 34 -12.68 16.85 5.54
C ARG B 34 -12.99 15.41 6.00
N HIS B 35 -11.97 14.55 6.03
CA HIS B 35 -12.04 13.12 6.41
C HIS B 35 -12.38 13.02 7.91
N ASP B 36 -11.69 13.81 8.74
CA ASP B 36 -11.86 13.83 10.21
C ASP B 36 -13.23 14.42 10.57
N TYR B 37 -13.65 15.48 9.87
CA TYR B 37 -14.99 16.10 10.03
C TYR B 37 -16.06 15.03 9.79
N PHE B 38 -15.95 14.26 8.70
CA PHE B 38 -16.87 13.16 8.37
C PHE B 38 -16.84 12.13 9.50
N GLY B 39 -15.63 11.74 9.91
CA GLY B 39 -15.39 10.76 11.00
C GLY B 39 -16.17 11.11 12.25
N ARG B 40 -16.08 12.37 12.69
CA ARG B 40 -16.71 12.84 13.96
C ARG B 40 -18.24 12.83 13.82
N GLU B 41 -18.75 13.21 12.65
CA GLU B 41 -20.21 13.31 12.38
C GLU B 41 -20.79 11.90 12.22
N LEU B 42 -20.11 11.01 11.51
CA LEU B 42 -20.49 9.58 11.40
C LEU B 42 -20.62 9.00 12.82
N CYS B 43 -19.57 9.19 13.63
CA CYS B 43 -19.45 8.64 15.00
C CYS B 43 -20.61 9.13 15.90
N LYS B 44 -21.11 10.36 15.69
CA LYS B 44 -22.33 10.86 16.37
C LYS B 44 -23.55 10.05 15.90
N SER B 45 -23.73 9.91 14.59
CA SER B 45 -24.85 9.15 13.98
C SER B 45 -24.91 7.73 14.55
N LEU B 46 -23.75 7.05 14.63
CA LEU B 46 -23.59 5.66 15.14
C LEU B 46 -23.66 5.62 16.67
N ASN B 47 -23.52 6.78 17.34
CA ASN B 47 -23.40 6.92 18.82
CA ASN B 47 -23.44 6.87 18.83
C ASN B 47 -22.28 6.02 19.33
N ILE B 48 -21.07 6.23 18.81
CA ILE B 48 -19.82 5.55 19.27
C ILE B 48 -18.75 6.62 19.49
N GLU B 49 -17.79 6.34 20.37
CA GLU B 49 -16.61 7.20 20.65
C GLU B 49 -15.86 7.45 19.35
N TYR B 50 -15.54 8.72 19.04
CA TYR B 50 -14.61 9.08 17.94
C TYR B 50 -13.19 8.74 18.41
N ARG B 51 -12.59 7.78 17.69
N ARG B 51 -12.54 7.77 17.75
CA ARG B 51 -11.14 7.47 17.70
CA ARG B 51 -11.22 7.22 18.20
C ARG B 51 -10.61 7.74 16.28
C ARG B 51 -10.08 8.15 17.77
N ASN B 52 -9.28 7.69 16.11
N ASN B 52 -8.97 8.15 18.52
CA ASN B 52 -8.58 7.91 14.82
CA ASN B 52 -7.76 8.98 18.24
C ASN B 52 -7.25 7.15 14.82
C ASN B 52 -6.51 8.10 18.20
N ASP B 53 -6.90 6.56 13.67
N ASP B 53 -5.80 8.11 17.07
CA ASP B 53 -5.66 5.77 13.46
CA ASP B 53 -4.53 7.37 16.88
C ASP B 53 -5.26 5.05 14.76
C ASP B 53 -4.50 6.16 17.84
N VAL B 54 -6.13 4.21 15.30
N VAL B 54 -5.36 5.18 17.61
CA VAL B 54 -5.93 3.50 16.60
CA VAL B 54 -5.49 3.93 18.43
C VAL B 54 -4.96 2.34 16.40
C VAL B 54 -4.96 2.75 17.61
N PRO B 55 -3.85 2.27 17.16
N PRO B 55 -3.75 2.23 17.93
CA PRO B 55 -3.00 1.09 17.19
CA PRO B 55 -3.13 1.14 17.17
C PRO B 55 -3.83 -0.18 17.37
C PRO B 55 -3.90 -0.17 17.35
N PHE B 56 -3.72 -1.13 16.44
CA PHE B 56 -4.47 -2.42 16.43
C PHE B 56 -4.17 -3.19 17.72
N ILE B 57 -2.96 -3.08 18.25
CA ILE B 57 -2.55 -3.80 19.49
C ILE B 57 -3.46 -3.36 20.66
N ASP B 58 -3.83 -2.08 20.71
CA ASP B 58 -4.76 -1.53 21.74
C ASP B 58 -6.17 -2.09 21.53
N ILE B 59 -6.58 -2.29 20.28
CA ILE B 59 -7.89 -2.91 19.93
C ILE B 59 -7.93 -4.31 20.53
N ILE B 60 -6.86 -5.09 20.37
CA ILE B 60 -6.73 -6.49 20.92
C ILE B 60 -6.78 -6.43 22.45
N LEU B 61 -5.97 -5.56 23.06
CA LEU B 61 -5.94 -5.35 24.54
C LEU B 61 -7.33 -4.95 25.04
N ASP B 62 -8.05 -4.15 24.26
CA ASP B 62 -9.42 -3.68 24.62
C ASP B 62 -10.37 -4.88 24.65
N ILE B 63 -10.57 -5.56 23.51
CA ILE B 63 -11.61 -6.61 23.33
C ILE B 63 -11.21 -7.88 24.10
N ARG B 64 -9.91 -8.09 24.28
CA ARG B 64 -9.35 -9.34 24.87
C ARG B 64 -8.25 -8.97 25.84
N PRO B 65 -8.61 -8.43 27.04
CA PRO B 65 -7.64 -7.83 27.96
C PRO B 65 -6.67 -8.78 28.69
N GLU B 66 -6.90 -10.10 28.65
CA GLU B 66 -5.99 -11.13 29.20
C GLU B 66 -4.75 -11.26 28.30
N VAL B 67 -4.83 -10.80 27.04
CA VAL B 67 -3.70 -10.83 26.05
C VAL B 67 -2.52 -10.05 26.61
N ASP B 68 -1.30 -10.57 26.40
CA ASP B 68 -0.02 -9.97 26.86
C ASP B 68 0.49 -9.02 25.78
N PRO B 69 0.56 -7.70 26.05
CA PRO B 69 1.00 -6.74 25.03
C PRO B 69 2.46 -6.91 24.57
N LEU B 70 3.29 -7.58 25.37
CA LEU B 70 4.75 -7.73 25.12
C LEU B 70 4.98 -8.81 24.05
N THR B 71 4.10 -9.81 23.96
CA THR B 71 4.27 -11.03 23.14
C THR B 71 3.30 -11.06 21.95
N ILE B 72 2.06 -10.60 22.09
CA ILE B 72 0.97 -10.74 21.07
C ILE B 72 1.47 -10.28 19.70
N ASP B 73 1.23 -11.09 18.66
CA ASP B 73 1.57 -10.79 17.25
C ASP B 73 0.38 -10.05 16.63
N ALA B 74 0.37 -8.72 16.74
CA ALA B 74 -0.68 -7.81 16.22
C ALA B 74 -0.21 -7.20 14.91
N PRO B 75 -1.11 -7.01 13.91
CA PRO B 75 -0.74 -6.35 12.67
C PRO B 75 -0.42 -4.87 12.92
N HIS B 76 0.53 -4.31 12.17
CA HIS B 76 0.98 -2.90 12.27
C HIS B 76 0.07 -2.01 11.41
N ILE B 77 -1.24 -2.06 11.67
CA ILE B 77 -2.25 -1.13 11.08
C ILE B 77 -2.83 -0.30 12.21
N THR B 78 -3.28 0.91 11.87
CA THR B 78 -3.95 1.86 12.80
C THR B 78 -5.26 2.28 12.16
N PRO B 79 -6.34 1.47 12.29
CA PRO B 79 -7.63 1.81 11.68
C PRO B 79 -8.27 3.04 12.35
N ASP B 80 -9.14 3.74 11.62
CA ASP B 80 -9.83 4.97 12.10
C ASP B 80 -10.63 4.66 13.35
N ASN B 81 -11.30 3.51 13.40
CA ASN B 81 -12.19 3.14 14.53
C ASN B 81 -12.50 1.64 14.49
N TYR B 82 -13.20 1.15 15.51
CA TYR B 82 -13.60 -0.27 15.62
C TYR B 82 -14.81 -0.42 16.54
N LEU B 83 -15.46 -1.58 16.48
CA LEU B 83 -16.66 -1.90 17.29
C LEU B 83 -16.70 -3.41 17.50
N TYR B 84 -16.77 -3.84 18.76
CA TYR B 84 -16.79 -5.26 19.20
C TYR B 84 -18.19 -5.55 19.76
N ILE B 85 -18.97 -6.39 19.08
CA ILE B 85 -20.38 -6.73 19.46
C ILE B 85 -20.70 -8.14 18.97
N ASN B 86 -21.33 -8.95 19.83
CA ASN B 86 -21.73 -10.36 19.58
C ASN B 86 -20.48 -11.16 19.16
N ASN B 87 -19.38 -10.96 19.90
CA ASN B 87 -18.05 -11.57 19.65
C ASN B 87 -17.68 -11.44 18.17
N VAL B 88 -17.91 -10.26 17.58
CA VAL B 88 -17.47 -9.90 16.20
C VAL B 88 -16.70 -8.58 16.28
N LEU B 89 -15.44 -8.57 15.83
CA LEU B 89 -14.62 -7.33 15.74
C LEU B 89 -14.85 -6.69 14.37
N TYR B 90 -15.49 -5.52 14.36
CA TYR B 90 -15.67 -4.65 13.16
C TYR B 90 -14.55 -3.60 13.14
N ILE B 91 -13.62 -3.71 12.18
CA ILE B 91 -12.55 -2.69 11.93
C ILE B 91 -13.10 -1.66 10.95
N ILE B 92 -13.14 -0.39 11.36
CA ILE B 92 -13.80 0.72 10.62
C ILE B 92 -12.73 1.65 10.07
N ASP B 93 -12.85 2.03 8.80
CA ASP B 93 -12.08 3.13 8.14
CA ASP B 93 -12.09 3.17 8.24
C ASP B 93 -13.07 4.13 7.56
N TYR B 94 -12.85 5.43 7.77
CA TYR B 94 -13.62 6.53 7.16
C TYR B 94 -12.98 6.84 5.80
N LYS B 95 -13.81 7.12 4.79
CA LYS B 95 -13.37 7.64 3.47
C LYS B 95 -14.32 8.75 3.02
N VAL B 96 -13.77 9.87 2.56
CA VAL B 96 -14.48 10.86 1.72
C VAL B 96 -13.87 10.76 0.31
N SER B 97 -14.62 10.22 -0.65
CA SER B 97 -14.16 10.04 -2.06
C SER B 97 -15.34 9.75 -2.99
N VAL B 98 -15.22 10.21 -4.25
CA VAL B 98 -16.24 9.99 -5.33
C VAL B 98 -16.01 8.62 -5.98
N SER B 99 -14.88 7.97 -5.68
CA SER B 99 -14.48 6.65 -6.22
C SER B 99 -14.28 5.66 -5.06
N ASN B 100 -14.25 4.35 -5.35
CA ASN B 100 -13.99 3.28 -4.36
C ASN B 100 -12.52 2.83 -4.43
N GLU B 101 -11.70 3.49 -5.26
CA GLU B 101 -10.26 3.17 -5.46
C GLU B 101 -9.57 2.97 -4.11
N SER B 102 -9.53 4.02 -3.28
CA SER B 102 -8.80 4.06 -1.99
C SER B 102 -9.44 3.09 -0.98
N SER B 103 -10.77 2.89 -1.05
CA SER B 103 -11.52 1.92 -0.21
C SER B 103 -11.00 0.50 -0.45
N VAL B 104 -10.69 0.16 -1.70
CA VAL B 104 -10.22 -1.21 -2.11
C VAL B 104 -8.78 -1.42 -1.62
N ILE B 105 -7.90 -0.44 -1.80
CA ILE B 105 -6.49 -0.47 -1.28
C ILE B 105 -6.56 -0.76 0.24
N THR B 106 -7.34 0.03 0.97
CA THR B 106 -7.47 -0.05 2.46
C THR B 106 -8.08 -1.41 2.85
N TYR B 107 -9.19 -1.80 2.21
CA TYR B 107 -9.92 -3.06 2.53
C TYR B 107 -8.96 -4.25 2.38
N ASP B 108 -8.38 -4.41 1.19
CA ASP B 108 -7.47 -5.54 0.85
C ASP B 108 -6.31 -5.58 1.86
N LYS B 109 -5.74 -4.43 2.20
CA LYS B 109 -4.61 -4.32 3.17
C LYS B 109 -5.09 -4.78 4.56
N TYR B 110 -6.21 -4.24 5.06
CA TYR B 110 -6.76 -4.54 6.41
C TYR B 110 -7.22 -6.01 6.45
N TYR B 111 -7.80 -6.52 5.37
CA TYR B 111 -8.31 -7.92 5.29
C TYR B 111 -7.13 -8.91 5.38
N GLU B 112 -6.08 -8.71 4.57
CA GLU B 112 -4.86 -9.57 4.54
C GLU B 112 -4.21 -9.63 5.92
N LEU B 113 -4.00 -8.47 6.55
CA LEU B 113 -3.15 -8.33 7.76
C LEU B 113 -3.91 -8.74 9.03
N THR B 114 -5.22 -9.02 8.94
CA THR B 114 -6.06 -9.39 10.12
C THR B 114 -6.39 -10.90 10.12
N ARG B 115 -6.03 -11.66 9.08
CA ARG B 115 -6.39 -13.10 8.98
C ARG B 115 -5.72 -13.89 10.11
N ASP B 116 -4.41 -13.73 10.30
CA ASP B 116 -3.60 -14.46 11.32
C ASP B 116 -4.23 -14.22 12.70
N ILE B 117 -4.44 -12.96 13.08
CA ILE B 117 -4.88 -12.59 14.46
C ILE B 117 -6.33 -13.05 14.66
N SER B 118 -7.16 -13.08 13.61
CA SER B 118 -8.55 -13.60 13.66
C SER B 118 -8.55 -15.08 14.05
N ASP B 119 -7.68 -15.87 13.41
CA ASP B 119 -7.54 -17.33 13.68
C ASP B 119 -7.02 -17.52 15.11
N ARG B 120 -6.00 -16.75 15.50
CA ARG B 120 -5.36 -16.82 16.85
C ARG B 120 -6.40 -16.55 17.94
N LEU B 121 -7.29 -15.59 17.72
CA LEU B 121 -8.25 -15.11 18.75
C LEU B 121 -9.57 -15.89 18.68
N SER B 122 -9.82 -16.63 17.60
CA SER B 122 -11.16 -17.17 17.27
C SER B 122 -12.19 -16.04 17.39
N ILE B 123 -11.91 -14.88 16.79
CA ILE B 123 -12.85 -13.73 16.63
C ILE B 123 -12.91 -13.40 15.14
N PRO B 124 -14.09 -13.44 14.50
CA PRO B 124 -14.21 -12.97 13.12
C PRO B 124 -13.94 -11.47 13.09
N ILE B 125 -13.08 -11.04 12.16
CA ILE B 125 -12.69 -9.61 11.96
C ILE B 125 -13.28 -9.15 10.63
N GLU B 126 -14.34 -8.35 10.71
CA GLU B 126 -15.02 -7.72 9.55
C GLU B 126 -14.39 -6.36 9.29
N ILE B 127 -13.88 -6.14 8.09
CA ILE B 127 -13.31 -4.82 7.64
C ILE B 127 -14.46 -3.99 7.06
N VAL B 128 -14.83 -2.91 7.75
CA VAL B 128 -15.93 -2.00 7.33
C VAL B 128 -15.34 -0.68 6.81
N ILE B 129 -15.35 -0.48 5.50
CA ILE B 129 -14.99 0.82 4.86
C ILE B 129 -16.29 1.62 4.76
N ILE B 130 -16.38 2.73 5.51
CA ILE B 130 -17.57 3.64 5.50
C ILE B 130 -17.18 4.89 4.71
N ARG B 131 -17.59 4.94 3.45
CA ARG B 131 -17.29 6.04 2.50
C ARG B 131 -18.55 6.91 2.29
N ILE B 132 -18.35 8.23 2.33
CA ILE B 132 -19.34 9.25 1.86
C ILE B 132 -18.80 9.83 0.56
N ASP B 133 -19.66 9.89 -0.47
CA ASP B 133 -19.39 10.61 -1.73
C ASP B 133 -19.64 12.10 -1.46
N PRO B 134 -18.62 12.98 -1.53
CA PRO B 134 -18.80 14.39 -1.18
C PRO B 134 -19.76 15.15 -2.12
N VAL B 135 -19.95 14.66 -3.35
CA VAL B 135 -20.88 15.27 -4.35
C VAL B 135 -22.32 14.86 -4.01
N SER B 136 -22.65 13.56 -4.09
CA SER B 136 -24.00 13.01 -3.84
C SER B 136 -24.35 13.05 -2.36
N ARG B 137 -23.34 13.03 -1.48
CA ARG B 137 -23.48 12.93 0.00
C ARG B 137 -24.13 11.59 0.35
N ASP B 138 -23.97 10.57 -0.52
CA ASP B 138 -24.48 9.20 -0.32
C ASP B 138 -23.48 8.44 0.55
N LEU B 139 -23.99 7.65 1.50
CA LEU B 139 -23.17 6.77 2.36
C LEU B 139 -23.09 5.39 1.69
N HIS B 140 -21.88 4.93 1.37
CA HIS B 140 -21.59 3.58 0.83
C HIS B 140 -20.79 2.79 1.85
N ILE B 141 -21.32 1.62 2.27
CA ILE B 141 -20.69 0.72 3.28
C ILE B 141 -20.67 -0.70 2.67
N ASN B 142 -19.48 -1.30 2.60
CA ASN B 142 -19.24 -2.62 1.95
C ASN B 142 -19.95 -3.72 2.75
N SER B 143 -19.87 -3.68 4.08
CA SER B 143 -20.22 -4.81 4.99
C SER B 143 -21.74 -4.89 5.19
N ASP B 144 -22.36 -5.93 4.63
CA ASP B 144 -23.79 -6.30 4.87
C ASP B 144 -24.01 -6.55 6.37
N ARG B 145 -23.06 -7.24 7.00
CA ARG B 145 -23.11 -7.63 8.43
C ARG B 145 -23.24 -6.35 9.28
N PHE B 146 -22.39 -5.36 9.03
CA PHE B 146 -22.35 -4.07 9.76
C PHE B 146 -23.67 -3.31 9.58
N LYS B 147 -24.24 -3.36 8.38
CA LYS B 147 -25.47 -2.58 8.03
C LYS B 147 -26.72 -3.21 8.66
N GLU B 148 -26.67 -4.47 9.08
CA GLU B 148 -27.78 -5.14 9.83
C GLU B 148 -27.85 -4.60 11.26
N LEU B 149 -26.70 -4.27 11.86
CA LEU B 149 -26.62 -3.63 13.21
C LEU B 149 -27.14 -2.19 13.10
N TYR B 150 -26.67 -1.46 12.10
CA TYR B 150 -27.02 -0.04 11.82
C TYR B 150 -27.81 0.02 10.52
N PRO B 151 -29.15 -0.22 10.56
CA PRO B 151 -29.94 -0.47 9.36
C PRO B 151 -30.11 0.76 8.46
N THR B 152 -30.23 1.96 9.05
CA THR B 152 -30.37 3.22 8.29
C THR B 152 -29.57 4.32 9.01
N ILE B 153 -28.26 4.37 8.77
CA ILE B 153 -27.34 5.42 9.27
C ILE B 153 -27.62 6.70 8.47
N VAL B 154 -27.67 7.84 9.16
CA VAL B 154 -27.94 9.17 8.54
C VAL B 154 -26.89 10.16 9.06
N VAL B 155 -25.97 10.56 8.17
CA VAL B 155 -25.00 11.67 8.40
C VAL B 155 -25.43 12.85 7.52
N ASP B 156 -26.21 13.76 8.09
CA ASP B 156 -26.74 14.96 7.38
C ASP B 156 -25.66 16.06 7.43
N ILE B 157 -24.67 15.98 6.55
CA ILE B 157 -23.56 17.00 6.42
C ILE B 157 -23.30 17.27 4.95
N ASN B 158 -22.61 18.38 4.66
CA ASN B 158 -22.05 18.68 3.30
C ASN B 158 -20.60 19.14 3.48
N PHE B 159 -19.90 19.36 2.37
CA PHE B 159 -18.46 19.75 2.33
C PHE B 159 -18.31 21.07 1.59
N ASN B 160 -19.37 21.89 1.54
CA ASN B 160 -19.41 23.19 0.82
C ASN B 160 -18.25 24.07 1.27
N GLN B 161 -17.95 24.12 2.57
CA GLN B 161 -16.92 25.01 3.15
C GLN B 161 -15.52 24.53 2.71
N PHE B 162 -15.31 23.20 2.67
CA PHE B 162 -14.07 22.56 2.17
C PHE B 162 -13.91 22.88 0.68
N PHE B 163 -15.00 22.76 -0.08
CA PHE B 163 -15.07 23.11 -1.53
C PHE B 163 -14.74 24.59 -1.72
N ASP B 164 -15.31 25.47 -0.89
CA ASP B 164 -15.13 26.95 -0.94
C ASP B 164 -13.67 27.33 -0.67
N LEU B 165 -13.00 26.65 0.28
CA LEU B 165 -11.60 26.92 0.67
C LEU B 165 -10.67 26.42 -0.44
N LYS B 166 -10.97 25.26 -1.03
CA LYS B 166 -10.21 24.72 -2.20
C LYS B 166 -10.41 25.67 -3.39
N GLN B 167 -11.58 26.31 -3.47
CA GLN B 167 -11.89 27.33 -4.51
C GLN B 167 -10.88 28.48 -4.35
N LEU B 168 -10.80 29.06 -3.14
CA LEU B 168 -9.93 30.22 -2.82
C LEU B 168 -8.46 29.85 -3.05
N LEU B 169 -8.03 28.67 -2.60
CA LEU B 169 -6.65 28.16 -2.83
C LEU B 169 -6.32 28.21 -4.33
N TYR B 170 -7.20 27.65 -5.17
CA TYR B 170 -6.95 27.49 -6.63
C TYR B 170 -7.08 28.83 -7.35
N GLU B 171 -7.98 29.73 -6.91
CA GLU B 171 -8.05 31.12 -7.43
C GLU B 171 -6.63 31.71 -7.38
N LYS B 172 -5.98 31.61 -6.22
CA LYS B 172 -4.69 32.28 -5.91
C LYS B 172 -3.52 31.59 -6.63
N PHE B 173 -3.53 30.25 -6.74
CA PHE B 173 -2.37 29.42 -7.18
C PHE B 173 -2.68 28.66 -8.48
N GLY B 174 -3.77 29.02 -9.17
CA GLY B 174 -4.27 28.32 -10.38
C GLY B 174 -3.34 28.46 -11.59
N ASP B 175 -2.56 29.55 -11.67
CA ASP B 175 -1.67 29.85 -12.82
C ASP B 175 -0.22 29.48 -12.50
N ASP B 176 0.03 28.94 -11.30
CA ASP B 176 1.37 28.50 -10.82
C ASP B 176 1.60 27.04 -11.24
N GLU B 177 2.41 26.81 -12.29
CA GLU B 177 2.68 25.46 -12.84
C GLU B 177 3.23 24.54 -11.74
N GLU B 178 4.02 25.08 -10.81
CA GLU B 178 4.69 24.27 -9.76
C GLU B 178 3.65 23.74 -8.76
N PHE B 179 2.57 24.48 -8.54
CA PHE B 179 1.44 24.06 -7.66
C PHE B 179 0.60 22.99 -8.35
N LEU B 180 0.28 23.19 -9.63
CA LEU B 180 -0.64 22.32 -10.43
C LEU B 180 -0.10 20.89 -10.54
N LEU B 181 1.23 20.69 -10.50
CA LEU B 181 1.86 19.34 -10.61
C LEU B 181 2.57 18.95 -9.30
N LYS B 182 2.33 19.66 -8.20
CA LYS B 182 2.98 19.35 -6.89
C LYS B 182 2.24 18.18 -6.22
N VAL B 183 3.01 17.24 -5.65
CA VAL B 183 2.49 16.11 -4.82
C VAL B 183 2.79 16.40 -3.36
N ALA B 184 1.99 15.83 -2.45
CA ALA B 184 2.08 16.00 -0.97
C ALA B 184 3.55 15.99 -0.52
N GLY C 1 -21.86 -38.60 -8.53
CA GLY C 1 -21.40 -37.30 -9.11
C GLY C 1 -21.77 -36.12 -8.23
N MET C 2 -21.77 -34.92 -8.82
CA MET C 2 -22.27 -33.65 -8.23
C MET C 2 -23.74 -33.85 -7.79
N ASP C 3 -24.18 -33.09 -6.79
CA ASP C 3 -25.60 -33.04 -6.37
C ASP C 3 -26.40 -32.40 -7.50
N TYR C 4 -27.64 -32.85 -7.75
CA TYR C 4 -28.52 -32.33 -8.82
C TYR C 4 -28.70 -30.82 -8.67
N GLN C 5 -28.90 -30.37 -7.44
CA GLN C 5 -29.13 -28.94 -7.07
C GLN C 5 -27.91 -28.09 -7.50
N GLU C 6 -26.70 -28.57 -7.23
CA GLU C 6 -25.45 -27.85 -7.59
C GLU C 6 -25.33 -27.78 -9.12
N TYR C 7 -25.63 -28.87 -9.83
CA TYR C 7 -25.59 -28.97 -11.30
C TYR C 7 -26.57 -27.96 -11.92
N GLN C 8 -27.76 -27.84 -11.32
CA GLN C 8 -28.85 -26.93 -11.78
C GLN C 8 -28.43 -25.47 -11.56
N GLN C 9 -27.74 -25.18 -10.45
CA GLN C 9 -27.20 -23.83 -10.13
C GLN C 9 -26.24 -23.40 -11.26
N PHE C 10 -25.29 -24.25 -11.61
CA PHE C 10 -24.30 -24.00 -12.68
C PHE C 10 -25.03 -23.83 -14.02
N LEU C 11 -25.98 -24.73 -14.32
CA LEU C 11 -26.70 -24.74 -15.62
C LEU C 11 -27.45 -23.41 -15.78
N ALA C 12 -28.11 -22.95 -14.71
CA ALA C 12 -28.85 -21.68 -14.66
C ALA C 12 -27.91 -20.50 -14.93
N ARG C 13 -26.78 -20.45 -14.22
CA ARG C 13 -25.77 -19.36 -14.33
C ARG C 13 -25.22 -19.32 -15.76
N ILE C 14 -24.79 -20.48 -16.28
CA ILE C 14 -24.18 -20.61 -17.64
C ILE C 14 -25.15 -20.05 -18.68
N ASN C 15 -26.46 -20.23 -18.47
CA ASN C 15 -27.51 -19.89 -19.46
C ASN C 15 -27.96 -18.44 -19.30
N THR C 16 -27.90 -17.84 -18.10
CA THR C 16 -28.14 -16.38 -17.89
C THR C 16 -26.92 -15.57 -18.36
N ALA C 17 -25.71 -16.09 -18.16
CA ALA C 17 -24.43 -15.40 -18.48
C ALA C 17 -24.52 -14.77 -19.89
N ARG C 18 -24.24 -13.47 -19.98
CA ARG C 18 -24.11 -12.72 -21.26
C ARG C 18 -22.77 -11.97 -21.30
N ASP C 19 -21.90 -12.14 -20.30
CA ASP C 19 -20.71 -11.27 -20.08
C ASP C 19 -19.52 -12.10 -19.61
N ALA C 20 -18.35 -11.85 -20.20
CA ALA C 20 -17.09 -12.59 -19.98
C ALA C 20 -16.79 -12.72 -18.48
N CYS C 21 -16.97 -11.65 -17.70
CA CYS C 21 -16.61 -11.61 -16.25
C CYS C 21 -17.50 -12.58 -15.47
N VAL C 22 -18.80 -12.66 -15.80
CA VAL C 22 -19.76 -13.62 -15.20
C VAL C 22 -19.33 -15.05 -15.57
N ALA C 23 -19.07 -15.28 -16.85
CA ALA C 23 -18.64 -16.58 -17.42
C ALA C 23 -17.37 -17.09 -16.73
N LYS C 24 -16.41 -16.21 -16.45
CA LYS C 24 -15.11 -16.58 -15.83
C LYS C 24 -15.34 -17.05 -14.39
N ASP C 25 -16.20 -16.36 -13.64
CA ASP C 25 -16.53 -16.71 -12.24
C ASP C 25 -17.16 -18.10 -12.20
N ILE C 26 -17.94 -18.47 -13.22
CA ILE C 26 -18.53 -19.83 -13.37
C ILE C 26 -17.36 -20.81 -13.59
N ASP C 27 -16.48 -20.52 -14.55
CA ASP C 27 -15.29 -21.33 -14.89
C ASP C 27 -14.52 -21.65 -13.60
N VAL C 28 -14.30 -20.65 -12.75
CA VAL C 28 -13.50 -20.77 -11.51
C VAL C 28 -14.31 -21.52 -10.46
N ASP C 29 -15.62 -21.25 -10.36
CA ASP C 29 -16.54 -21.91 -9.39
C ASP C 29 -16.66 -23.41 -9.69
N LEU C 30 -16.57 -23.80 -10.97
CA LEU C 30 -16.59 -25.21 -11.43
C LEU C 30 -15.35 -25.94 -10.91
N LEU C 31 -14.16 -25.35 -11.08
CA LEU C 31 -12.87 -25.90 -10.58
C LEU C 31 -12.94 -26.07 -9.06
N MET C 32 -13.54 -25.09 -8.36
CA MET C 32 -13.68 -25.08 -6.87
C MET C 32 -14.64 -26.20 -6.45
N ALA C 33 -15.78 -26.37 -7.15
CA ALA C 33 -16.77 -27.43 -6.88
C ALA C 33 -16.14 -28.81 -7.15
N ARG C 34 -15.40 -28.93 -8.26
CA ARG C 34 -14.69 -30.17 -8.66
C ARG C 34 -13.71 -30.59 -7.55
N HIS C 35 -12.90 -29.63 -7.09
CA HIS C 35 -11.91 -29.79 -6.00
C HIS C 35 -12.61 -30.34 -4.75
N ASP C 36 -13.72 -29.72 -4.35
CA ASP C 36 -14.44 -30.02 -3.09
C ASP C 36 -15.15 -31.37 -3.21
N TYR C 37 -15.67 -31.70 -4.38
CA TYR C 37 -16.33 -32.99 -4.69
C TYR C 37 -15.32 -34.12 -4.45
N PHE C 38 -14.09 -33.92 -4.93
CA PHE C 38 -12.96 -34.88 -4.76
C PHE C 38 -12.61 -35.00 -3.27
N GLY C 39 -12.51 -33.86 -2.58
CA GLY C 39 -12.24 -33.79 -1.12
C GLY C 39 -13.21 -34.65 -0.33
N ARG C 40 -14.53 -34.44 -0.50
CA ARG C 40 -15.59 -35.20 0.21
C ARG C 40 -15.38 -36.70 -0.03
N GLU C 41 -15.28 -37.12 -1.30
CA GLU C 41 -15.16 -38.55 -1.71
C GLU C 41 -13.85 -39.13 -1.18
N LEU C 42 -12.72 -38.46 -1.42
CA LEU C 42 -11.37 -38.87 -0.92
C LEU C 42 -11.45 -39.13 0.59
N CYS C 43 -12.09 -38.24 1.34
CA CYS C 43 -12.18 -38.30 2.82
C CYS C 43 -13.01 -39.52 3.27
N LYS C 44 -14.00 -39.94 2.48
CA LYS C 44 -14.75 -41.20 2.73
C LYS C 44 -13.79 -42.38 2.52
N SER C 45 -13.04 -42.40 1.43
CA SER C 45 -12.04 -43.46 1.09
C SER C 45 -11.01 -43.59 2.21
N LEU C 46 -10.51 -42.47 2.75
CA LEU C 46 -9.48 -42.45 3.83
C LEU C 46 -10.16 -42.61 5.20
N ASN C 47 -11.50 -42.66 5.22
CA ASN C 47 -12.35 -42.71 6.43
C ASN C 47 -11.84 -41.69 7.47
N ILE C 48 -11.62 -40.44 7.02
CA ILE C 48 -11.27 -39.28 7.89
C ILE C 48 -12.39 -38.23 7.78
N GLU C 49 -12.54 -37.39 8.80
CA GLU C 49 -13.51 -36.27 8.81
C GLU C 49 -13.23 -35.38 7.59
N TYR C 50 -14.26 -34.95 6.86
CA TYR C 50 -14.11 -33.93 5.79
C TYR C 50 -13.89 -32.57 6.46
N ARG C 51 -12.82 -31.89 6.07
CA ARG C 51 -12.50 -30.49 6.44
C ARG C 51 -12.09 -29.75 5.16
N ASN C 52 -12.17 -28.42 5.18
CA ASN C 52 -11.68 -27.53 4.11
C ASN C 52 -11.01 -26.30 4.76
N ASP C 53 -9.89 -25.85 4.18
CA ASP C 53 -9.17 -24.60 4.57
C ASP C 53 -9.26 -24.41 6.08
N VAL C 54 -8.66 -25.33 6.84
CA VAL C 54 -8.61 -25.29 8.34
C VAL C 54 -7.35 -24.52 8.75
N PRO C 55 -7.47 -23.41 9.53
CA PRO C 55 -6.30 -22.65 9.97
C PRO C 55 -5.31 -23.56 10.73
N PHE C 56 -4.01 -23.39 10.45
CA PHE C 56 -2.92 -24.22 11.00
C PHE C 56 -2.93 -24.16 12.53
N ILE C 57 -3.23 -22.98 13.10
CA ILE C 57 -3.28 -22.75 14.57
C ILE C 57 -4.31 -23.71 15.20
N ASP C 58 -5.43 -23.99 14.52
CA ASP C 58 -6.48 -24.94 14.99
C ASP C 58 -5.93 -26.37 14.97
N ILE C 59 -5.11 -26.69 13.97
CA ILE C 59 -4.46 -28.03 13.86
C ILE C 59 -3.56 -28.23 15.10
N ILE C 60 -2.75 -27.22 15.43
CA ILE C 60 -1.80 -27.25 16.58
C ILE C 60 -2.61 -27.41 17.87
N LEU C 61 -3.64 -26.58 18.07
CA LEU C 61 -4.49 -26.59 19.28
C LEU C 61 -5.19 -27.95 19.43
N ASP C 62 -5.50 -28.62 18.32
CA ASP C 62 -6.18 -29.94 18.32
C ASP C 62 -5.19 -31.02 18.77
N ILE C 63 -4.01 -31.10 18.16
CA ILE C 63 -3.01 -32.19 18.41
C ILE C 63 -2.28 -31.91 19.73
N ARG C 64 -2.16 -30.63 20.11
CA ARG C 64 -1.38 -30.20 21.30
C ARG C 64 -2.15 -29.11 22.04
N PRO C 65 -3.24 -29.47 22.76
CA PRO C 65 -4.19 -28.48 23.30
C PRO C 65 -3.70 -27.67 24.49
N GLU C 66 -2.47 -27.93 24.97
CA GLU C 66 -1.82 -27.19 26.09
C GLU C 66 -1.10 -25.96 25.55
N VAL C 67 -0.87 -25.91 24.23
CA VAL C 67 -0.23 -24.75 23.52
C VAL C 67 -1.12 -23.51 23.71
N ASP C 68 -0.49 -22.36 23.91
CA ASP C 68 -1.15 -21.03 23.98
C ASP C 68 -1.23 -20.45 22.56
N PRO C 69 -2.43 -20.33 21.97
CA PRO C 69 -2.55 -19.85 20.59
C PRO C 69 -2.18 -18.38 20.41
N LEU C 70 -2.06 -17.64 21.52
CA LEU C 70 -1.76 -16.19 21.55
C LEU C 70 -0.25 -15.95 21.31
N THR C 71 0.60 -16.94 21.61
CA THR C 71 2.08 -16.78 21.70
C THR C 71 2.84 -17.74 20.76
N ILE C 72 2.26 -18.88 20.37
CA ILE C 72 2.93 -19.89 19.48
C ILE C 72 3.40 -19.20 18.19
N ASP C 73 4.66 -19.42 17.79
CA ASP C 73 5.20 -19.00 16.48
C ASP C 73 4.80 -20.06 15.44
N ALA C 74 3.66 -19.86 14.78
CA ALA C 74 3.01 -20.84 13.89
C ALA C 74 2.81 -20.24 12.50
N PRO C 75 2.89 -21.04 11.43
CA PRO C 75 2.73 -20.52 10.07
C PRO C 75 1.26 -20.19 9.76
N HIS C 76 1.03 -19.24 8.84
CA HIS C 76 -0.31 -18.76 8.43
C HIS C 76 -0.68 -19.42 7.09
N ILE C 77 -1.00 -20.71 7.14
CA ILE C 77 -1.51 -21.54 6.01
C ILE C 77 -2.84 -22.16 6.44
N THR C 78 -3.71 -22.49 5.49
CA THR C 78 -5.04 -23.13 5.74
C THR C 78 -5.15 -24.36 4.84
N PRO C 79 -4.47 -25.48 5.18
CA PRO C 79 -4.52 -26.69 4.36
C PRO C 79 -5.91 -27.32 4.36
N ASP C 80 -6.24 -28.01 3.28
CA ASP C 80 -7.58 -28.64 3.05
C ASP C 80 -7.91 -29.56 4.24
N ASN C 81 -6.93 -30.33 4.73
CA ASN C 81 -7.18 -31.32 5.82
C ASN C 81 -5.86 -31.68 6.51
N TYR C 82 -5.96 -32.57 7.51
CA TYR C 82 -4.79 -33.12 8.25
C TYR C 82 -5.16 -34.43 8.94
N LEU C 83 -4.12 -35.20 9.27
CA LEU C 83 -4.22 -36.44 10.07
C LEU C 83 -3.03 -36.48 11.05
N TYR C 84 -3.33 -36.62 12.34
CA TYR C 84 -2.33 -36.81 13.41
C TYR C 84 -2.43 -38.27 13.89
N ILE C 85 -1.38 -39.07 13.64
CA ILE C 85 -1.34 -40.52 13.94
C ILE C 85 0.12 -40.92 14.23
N ASN C 86 0.35 -41.64 15.34
CA ASN C 86 1.69 -42.12 15.79
C ASN C 86 2.64 -40.92 15.92
N ASN C 87 2.20 -39.86 16.61
CA ASN C 87 2.94 -38.58 16.78
C ASN C 87 3.60 -38.17 15.45
N VAL C 88 2.84 -38.22 14.35
CA VAL C 88 3.25 -37.69 13.01
C VAL C 88 2.09 -36.86 12.47
N LEU C 89 2.33 -35.58 12.15
CA LEU C 89 1.30 -34.66 11.60
C LEU C 89 1.36 -34.72 10.06
N TYR C 90 0.33 -35.28 9.43
CA TYR C 90 0.13 -35.29 7.96
C TYR C 90 -0.72 -34.08 7.58
N ILE C 91 -0.14 -33.14 6.83
CA ILE C 91 -0.83 -31.93 6.29
C ILE C 91 -1.30 -32.29 4.87
N ILE C 92 -2.62 -32.39 4.69
CA ILE C 92 -3.25 -32.88 3.43
C ILE C 92 -3.76 -31.69 2.63
N ASP C 93 -3.51 -31.70 1.33
CA ASP C 93 -4.09 -30.78 0.32
C ASP C 93 -4.70 -31.63 -0.79
N TYR C 94 -5.97 -31.38 -1.12
CA TYR C 94 -6.67 -31.99 -2.28
C TYR C 94 -6.25 -31.22 -3.54
N LYS C 95 -6.00 -31.93 -4.64
CA LYS C 95 -5.72 -31.33 -5.97
C LYS C 95 -6.49 -32.13 -7.03
N VAL C 96 -7.17 -31.43 -7.94
CA VAL C 96 -7.71 -32.03 -9.20
C VAL C 96 -7.02 -31.31 -10.36
N SER C 97 -6.07 -31.98 -11.01
CA SER C 97 -5.29 -31.42 -12.15
C SER C 97 -4.66 -32.56 -12.96
N VAL C 98 -4.45 -32.31 -14.26
CA VAL C 98 -3.77 -33.24 -15.21
C VAL C 98 -2.25 -33.02 -15.10
N SER C 99 -1.81 -32.05 -14.29
CA SER C 99 -0.40 -31.63 -14.12
C SER C 99 -0.06 -31.55 -12.62
N ASN C 100 1.22 -31.44 -12.29
CA ASN C 100 1.73 -31.40 -10.89
C ASN C 100 2.17 -29.98 -10.54
N GLU C 101 2.09 -29.03 -11.48
CA GLU C 101 2.62 -27.64 -11.36
C GLU C 101 2.10 -27.00 -10.07
N SER C 102 0.79 -27.09 -9.84
CA SER C 102 0.09 -26.47 -8.68
C SER C 102 0.43 -27.26 -7.41
N SER C 103 0.54 -28.58 -7.51
CA SER C 103 0.93 -29.49 -6.40
C SER C 103 2.31 -29.10 -5.86
N VAL C 104 3.24 -28.78 -6.76
CA VAL C 104 4.65 -28.41 -6.42
C VAL C 104 4.63 -27.08 -5.67
N ILE C 105 3.91 -26.10 -6.20
CA ILE C 105 3.78 -24.74 -5.57
C ILE C 105 3.23 -24.91 -4.14
N THR C 106 2.14 -25.67 -3.96
CA THR C 106 1.52 -25.94 -2.64
C THR C 106 2.51 -26.69 -1.75
N TYR C 107 3.17 -27.75 -2.25
CA TYR C 107 4.11 -28.57 -1.46
C TYR C 107 5.28 -27.71 -0.99
N ASP C 108 5.94 -27.02 -1.93
CA ASP C 108 7.12 -26.14 -1.67
C ASP C 108 6.77 -25.13 -0.58
N LYS C 109 5.59 -24.50 -0.65
CA LYS C 109 5.14 -23.47 0.31
C LYS C 109 4.90 -24.10 1.69
N TYR C 110 4.09 -25.17 1.74
CA TYR C 110 3.67 -25.87 2.99
C TYR C 110 4.89 -26.49 3.67
N TYR C 111 5.80 -27.10 2.91
CA TYR C 111 7.03 -27.75 3.43
C TYR C 111 7.92 -26.69 4.10
N GLU C 112 8.23 -25.62 3.35
CA GLU C 112 9.10 -24.49 3.77
C GLU C 112 8.56 -23.85 5.06
N LEU C 113 7.25 -23.56 5.12
CA LEU C 113 6.61 -22.81 6.23
C LEU C 113 6.36 -23.71 7.46
N THR C 114 6.60 -25.03 7.38
CA THR C 114 6.28 -25.97 8.49
C THR C 114 7.57 -26.51 9.15
N ARG C 115 8.76 -26.18 8.63
CA ARG C 115 10.04 -26.69 9.16
C ARG C 115 10.23 -26.18 10.59
N ASP C 116 10.02 -24.88 10.81
CA ASP C 116 10.21 -24.20 12.11
C ASP C 116 9.30 -24.86 13.16
N ILE C 117 7.98 -24.87 12.91
CA ILE C 117 6.97 -25.36 13.90
C ILE C 117 7.19 -26.86 14.17
N SER C 118 7.60 -27.63 13.16
CA SER C 118 7.95 -29.07 13.31
C SER C 118 9.03 -29.22 14.38
N ASP C 119 10.10 -28.42 14.30
CA ASP C 119 11.22 -28.40 15.27
C ASP C 119 10.70 -28.01 16.66
N ARG C 120 10.08 -26.84 16.78
CA ARG C 120 9.45 -26.31 18.02
C ARG C 120 8.62 -27.38 18.74
N LEU C 121 7.78 -28.12 18.01
CA LEU C 121 6.81 -29.09 18.58
C LEU C 121 7.47 -30.47 18.77
N SER C 122 8.62 -30.72 18.14
CA SER C 122 9.24 -32.08 18.06
C SER C 122 8.23 -33.07 17.49
N ILE C 123 7.54 -32.68 16.41
CA ILE C 123 6.58 -33.53 15.66
C ILE C 123 6.99 -33.50 14.19
N PRO C 124 7.34 -34.64 13.57
CA PRO C 124 7.57 -34.66 12.12
C PRO C 124 6.27 -34.25 11.40
N ILE C 125 6.38 -33.27 10.50
CA ILE C 125 5.25 -32.73 9.68
C ILE C 125 5.45 -33.19 8.24
N GLU C 126 4.66 -34.17 7.79
CA GLU C 126 4.66 -34.69 6.39
C GLU C 126 3.64 -33.89 5.58
N ILE C 127 4.08 -33.28 4.47
CA ILE C 127 3.20 -32.54 3.52
C ILE C 127 2.74 -33.52 2.45
N VAL C 128 1.46 -33.88 2.46
CA VAL C 128 0.83 -34.89 1.56
C VAL C 128 -0.09 -34.17 0.57
N ILE C 129 0.35 -34.00 -0.69
CA ILE C 129 -0.51 -33.53 -1.81
C ILE C 129 -1.18 -34.76 -2.42
N ILE C 130 -2.51 -34.86 -2.31
CA ILE C 130 -3.32 -35.96 -2.91
C ILE C 130 -4.00 -35.41 -4.17
N ARG C 131 -3.43 -35.70 -5.35
CA ARG C 131 -3.92 -35.21 -6.65
C ARG C 131 -4.61 -36.35 -7.41
N ILE C 132 -5.80 -36.07 -7.95
CA ILE C 132 -6.48 -36.95 -8.94
C ILE C 132 -6.35 -36.28 -10.32
N ASP C 133 -5.89 -37.04 -11.32
CA ASP C 133 -5.94 -36.64 -12.74
C ASP C 133 -7.39 -36.79 -13.17
N PRO C 134 -8.10 -35.69 -13.56
CA PRO C 134 -9.53 -35.79 -13.85
C PRO C 134 -9.82 -36.56 -15.15
N VAL C 135 -8.83 -36.66 -16.05
CA VAL C 135 -8.91 -37.42 -17.33
C VAL C 135 -8.79 -38.92 -17.05
N SER C 136 -7.66 -39.34 -16.47
CA SER C 136 -7.30 -40.76 -16.23
C SER C 136 -7.91 -41.24 -14.90
N ARG C 137 -8.31 -40.31 -14.03
CA ARG C 137 -8.90 -40.56 -12.68
C ARG C 137 -7.93 -41.40 -11.84
N ASP C 138 -6.61 -41.22 -12.07
CA ASP C 138 -5.52 -41.87 -11.30
C ASP C 138 -5.13 -40.96 -10.12
N LEU C 139 -4.94 -41.57 -8.95
CA LEU C 139 -4.55 -40.91 -7.68
C LEU C 139 -3.02 -40.88 -7.59
N HIS C 140 -2.43 -39.68 -7.50
CA HIS C 140 -0.98 -39.45 -7.26
C HIS C 140 -0.79 -38.84 -5.86
N ILE C 141 -0.02 -39.52 -5.01
CA ILE C 141 0.31 -39.09 -3.62
C ILE C 141 1.83 -39.12 -3.48
N ASN C 142 2.44 -37.99 -3.11
CA ASN C 142 3.91 -37.80 -3.03
C ASN C 142 4.48 -38.59 -1.84
N SER C 143 3.82 -38.52 -0.68
CA SER C 143 4.31 -39.00 0.63
C SER C 143 4.30 -40.53 0.68
N ASP C 144 5.48 -41.15 0.69
CA ASP C 144 5.66 -42.61 0.92
C ASP C 144 5.11 -42.98 2.29
N ARG C 145 5.42 -42.17 3.30
CA ARG C 145 5.04 -42.42 4.73
C ARG C 145 3.50 -42.48 4.82
N PHE C 146 2.80 -41.56 4.16
CA PHE C 146 1.32 -41.49 4.19
C PHE C 146 0.74 -42.70 3.45
N LYS C 147 1.38 -43.12 2.36
CA LYS C 147 0.94 -44.28 1.53
C LYS C 147 1.15 -45.58 2.30
N GLU C 148 2.08 -45.62 3.26
CA GLU C 148 2.28 -46.80 4.14
C GLU C 148 1.03 -47.00 5.03
N LEU C 149 0.42 -45.91 5.52
CA LEU C 149 -0.80 -45.96 6.38
C LEU C 149 -1.97 -46.50 5.56
N TYR C 150 -2.18 -45.96 4.37
CA TYR C 150 -3.27 -46.33 3.42
C TYR C 150 -2.65 -47.02 2.21
N PRO C 151 -2.40 -48.34 2.29
CA PRO C 151 -1.54 -49.03 1.32
C PRO C 151 -2.13 -49.04 -0.10
N THR C 152 -3.46 -49.03 -0.21
CA THR C 152 -4.20 -48.98 -1.50
C THR C 152 -5.48 -48.16 -1.30
N ILE C 153 -5.54 -46.99 -1.95
CA ILE C 153 -6.67 -46.00 -1.84
C ILE C 153 -7.51 -46.04 -3.12
N VAL C 154 -8.77 -46.42 -2.99
CA VAL C 154 -9.77 -46.39 -4.10
C VAL C 154 -10.68 -45.17 -3.86
N VAL C 155 -10.71 -44.24 -4.82
CA VAL C 155 -11.73 -43.17 -4.94
C VAL C 155 -12.46 -43.39 -6.28
N ASP C 156 -13.62 -44.05 -6.25
CA ASP C 156 -14.41 -44.35 -7.47
C ASP C 156 -15.32 -43.14 -7.77
N ILE C 157 -14.84 -42.21 -8.60
CA ILE C 157 -15.57 -40.98 -9.02
C ILE C 157 -15.20 -40.65 -10.48
N ASN C 158 -15.98 -39.76 -11.11
CA ASN C 158 -15.60 -39.09 -12.38
C ASN C 158 -16.07 -37.63 -12.31
N PHE C 159 -15.59 -36.82 -13.25
CA PHE C 159 -15.85 -35.36 -13.32
C PHE C 159 -16.53 -35.03 -14.65
N ASN C 160 -17.32 -35.96 -15.18
CA ASN C 160 -17.93 -35.84 -16.54
C ASN C 160 -18.95 -34.69 -16.53
N GLN C 161 -19.65 -34.49 -15.41
CA GLN C 161 -20.62 -33.37 -15.26
C GLN C 161 -19.87 -32.05 -15.34
N PHE C 162 -18.78 -31.93 -14.58
CA PHE C 162 -17.88 -30.75 -14.55
C PHE C 162 -17.36 -30.51 -15.97
N PHE C 163 -16.97 -31.56 -16.68
CA PHE C 163 -16.42 -31.46 -18.07
C PHE C 163 -17.52 -30.96 -19.01
N ASP C 164 -18.75 -31.47 -18.87
CA ASP C 164 -19.92 -31.12 -19.72
C ASP C 164 -20.27 -29.63 -19.52
N LEU C 165 -20.43 -29.21 -18.27
CA LEU C 165 -20.79 -27.82 -17.88
C LEU C 165 -19.74 -26.85 -18.44
N LYS C 166 -18.47 -27.18 -18.25
CA LYS C 166 -17.31 -26.39 -18.74
C LYS C 166 -17.37 -26.34 -20.28
N GLN C 167 -17.58 -27.48 -20.92
CA GLN C 167 -17.71 -27.58 -22.40
C GLN C 167 -18.88 -26.71 -22.85
N LEU C 168 -20.00 -26.74 -22.13
CA LEU C 168 -21.21 -25.92 -22.42
C LEU C 168 -20.85 -24.44 -22.33
N LEU C 169 -20.17 -24.03 -21.25
CA LEU C 169 -19.74 -22.62 -21.01
C LEU C 169 -18.86 -22.14 -22.17
N TYR C 170 -17.88 -22.94 -22.61
CA TYR C 170 -16.92 -22.59 -23.68
C TYR C 170 -17.63 -22.57 -25.05
N GLU C 171 -18.71 -23.34 -25.20
CA GLU C 171 -19.58 -23.32 -26.41
C GLU C 171 -20.24 -21.93 -26.51
N LYS C 172 -20.84 -21.49 -25.41
CA LYS C 172 -21.63 -20.23 -25.36
C LYS C 172 -20.71 -19.02 -25.53
N PHE C 173 -19.51 -19.03 -24.95
CA PHE C 173 -18.53 -17.90 -24.96
C PHE C 173 -17.37 -18.19 -25.92
N GLY C 174 -17.53 -19.16 -26.81
CA GLY C 174 -16.54 -19.57 -27.82
C GLY C 174 -16.11 -18.45 -28.75
N ASP C 175 -16.96 -17.46 -29.00
CA ASP C 175 -16.67 -16.31 -29.89
C ASP C 175 -16.59 -15.01 -29.07
N ASP C 176 -16.28 -15.12 -27.78
CA ASP C 176 -16.05 -13.97 -26.86
C ASP C 176 -14.56 -13.93 -26.49
N GLU C 177 -13.77 -13.16 -27.24
CA GLU C 177 -12.30 -13.05 -27.07
C GLU C 177 -11.99 -12.65 -25.62
N GLU C 178 -12.79 -11.76 -25.05
CA GLU C 178 -12.57 -11.22 -23.68
C GLU C 178 -12.64 -12.37 -22.67
N PHE C 179 -13.57 -13.31 -22.85
CA PHE C 179 -13.74 -14.50 -21.96
C PHE C 179 -12.58 -15.48 -22.17
N LEU C 180 -12.23 -15.76 -23.42
CA LEU C 180 -11.20 -16.77 -23.79
C LEU C 180 -9.83 -16.35 -23.22
N LEU C 181 -9.57 -15.04 -23.07
CA LEU C 181 -8.26 -14.50 -22.61
C LEU C 181 -8.38 -13.94 -21.18
N LYS C 182 -9.48 -14.20 -20.48
CA LYS C 182 -9.71 -13.75 -19.09
C LYS C 182 -9.09 -14.76 -18.13
N VAL C 183 -8.45 -14.28 -17.06
CA VAL C 183 -7.83 -15.13 -15.99
C VAL C 183 -8.66 -14.98 -14.70
N ALA C 184 -8.74 -16.06 -13.92
CA ALA C 184 -9.41 -16.12 -12.59
C ALA C 184 -9.00 -14.89 -11.77
N GLY D 1 41.82 18.22 21.75
CA GLY D 1 40.52 17.56 21.38
C GLY D 1 40.68 16.05 21.25
N MET D 2 41.19 15.58 20.12
CA MET D 2 41.45 14.14 19.83
C MET D 2 42.61 13.65 20.71
N ASP D 3 42.49 12.45 21.27
CA ASP D 3 43.53 11.75 22.08
C ASP D 3 44.86 11.82 21.32
N TYR D 4 45.95 12.25 21.99
CA TYR D 4 47.26 12.50 21.36
C TYR D 4 47.82 11.22 20.73
N GLN D 5 47.71 10.10 21.43
CA GLN D 5 48.21 8.77 20.97
C GLN D 5 47.42 8.35 19.73
N GLU D 6 46.10 8.48 19.77
CA GLU D 6 45.16 8.18 18.65
C GLU D 6 45.60 8.94 17.39
N TYR D 7 46.06 10.18 17.55
CA TYR D 7 46.58 11.05 16.46
C TYR D 7 47.86 10.43 15.87
N GLN D 8 48.77 9.95 16.73
CA GLN D 8 50.08 9.37 16.33
C GLN D 8 49.85 8.06 15.55
N GLN D 9 48.93 7.22 16.03
CA GLN D 9 48.53 5.94 15.39
C GLN D 9 48.07 6.22 13.96
N PHE D 10 47.20 7.23 13.77
CA PHE D 10 46.69 7.67 12.45
C PHE D 10 47.84 8.18 11.58
N LEU D 11 48.76 8.95 12.18
CA LEU D 11 49.94 9.54 11.48
C LEU D 11 50.88 8.41 11.05
N ALA D 12 51.12 7.43 11.92
CA ALA D 12 51.91 6.21 11.64
C ALA D 12 51.29 5.47 10.45
N ARG D 13 50.00 5.15 10.55
CA ARG D 13 49.22 4.41 9.50
C ARG D 13 49.41 5.10 8.15
N ILE D 14 49.33 6.43 8.09
CA ILE D 14 49.43 7.24 6.84
C ILE D 14 50.86 7.14 6.28
N ASN D 15 51.88 7.21 7.14
CA ASN D 15 53.32 7.15 6.78
C ASN D 15 53.66 5.80 6.13
N THR D 16 53.17 4.71 6.71
CA THR D 16 53.49 3.32 6.30
C THR D 16 52.66 2.91 5.06
N ALA D 17 51.54 3.61 4.78
CA ALA D 17 50.57 3.26 3.73
C ALA D 17 51.19 3.44 2.34
N ARG D 18 51.03 2.46 1.45
CA ARG D 18 51.55 2.46 0.06
C ARG D 18 50.46 2.07 -0.95
N ASP D 19 49.23 1.81 -0.50
CA ASP D 19 48.15 1.17 -1.32
C ASP D 19 46.83 1.90 -1.09
N ALA D 20 46.06 2.09 -2.16
CA ALA D 20 44.75 2.80 -2.16
C ALA D 20 43.80 2.21 -1.10
N CYS D 21 43.71 0.88 -1.03
CA CYS D 21 42.73 0.15 -0.16
C CYS D 21 43.08 0.36 1.32
N VAL D 22 44.37 0.47 1.66
CA VAL D 22 44.83 0.75 3.05
C VAL D 22 44.54 2.22 3.36
N ALA D 23 44.80 3.12 2.40
CA ALA D 23 44.54 4.57 2.50
C ALA D 23 43.04 4.83 2.69
N LYS D 24 42.19 4.03 2.06
CA LYS D 24 40.72 4.19 2.10
C LYS D 24 40.20 3.75 3.48
N ASP D 25 40.79 2.68 4.04
CA ASP D 25 40.48 2.21 5.42
C ASP D 25 40.78 3.31 6.43
N ILE D 26 41.93 3.97 6.30
CA ILE D 26 42.33 5.14 7.16
C ILE D 26 41.25 6.21 7.05
N ASP D 27 40.80 6.54 5.83
CA ASP D 27 39.80 7.59 5.54
C ASP D 27 38.50 7.29 6.30
N VAL D 28 38.06 6.03 6.26
CA VAL D 28 36.84 5.53 6.95
C VAL D 28 37.06 5.63 8.47
N ASP D 29 38.18 5.09 8.96
CA ASP D 29 38.53 5.04 10.40
C ASP D 29 38.60 6.46 10.98
N LEU D 30 38.97 7.46 10.17
CA LEU D 30 39.03 8.88 10.59
C LEU D 30 37.61 9.39 10.84
N LEU D 31 36.67 9.10 9.93
CA LEU D 31 35.24 9.48 10.07
C LEU D 31 34.66 8.81 11.32
N MET D 32 34.93 7.52 11.52
CA MET D 32 34.50 6.74 12.72
C MET D 32 35.02 7.40 14.00
N ALA D 33 36.30 7.75 14.02
CA ALA D 33 37.00 8.36 15.18
C ALA D 33 36.43 9.76 15.46
N ARG D 34 36.06 10.49 14.41
CA ARG D 34 35.47 11.86 14.49
C ARG D 34 34.09 11.77 15.13
N HIS D 35 33.26 10.84 14.65
CA HIS D 35 31.90 10.54 15.15
C HIS D 35 31.98 10.19 16.64
N ASP D 36 32.91 9.32 17.02
CA ASP D 36 33.08 8.80 18.40
C ASP D 36 33.60 9.92 19.31
N TYR D 37 34.55 10.73 18.84
CA TYR D 37 35.07 11.91 19.57
C TYR D 37 33.91 12.85 19.90
N PHE D 38 33.10 13.19 18.90
CA PHE D 38 31.90 14.06 19.05
C PHE D 38 30.98 13.48 20.12
N GLY D 39 30.69 12.18 20.05
CA GLY D 39 29.78 11.45 20.95
C GLY D 39 30.23 11.50 22.40
N ARG D 40 31.53 11.37 22.66
CA ARG D 40 32.11 11.37 24.03
C ARG D 40 32.02 12.79 24.61
N GLU D 41 32.29 13.81 23.80
CA GLU D 41 32.20 15.25 24.18
C GLU D 41 30.73 15.64 24.37
N LEU D 42 29.85 15.27 23.43
CA LEU D 42 28.38 15.52 23.54
C LEU D 42 27.88 15.00 24.88
N CYS D 43 28.18 13.73 25.19
CA CYS D 43 27.68 13.01 26.40
C CYS D 43 28.14 13.71 27.68
N LYS D 44 29.28 14.42 27.64
CA LYS D 44 29.79 15.23 28.78
C LYS D 44 28.91 16.47 28.95
N SER D 45 28.67 17.21 27.86
CA SER D 45 27.76 18.39 27.83
C SER D 45 26.39 18.00 28.39
N LEU D 46 25.83 16.86 27.93
CA LEU D 46 24.49 16.36 28.31
C LEU D 46 24.53 15.70 29.70
N ASN D 47 25.72 15.49 30.26
CA ASN D 47 25.92 14.77 31.55
CA ASN D 47 25.92 14.77 31.55
C ASN D 47 25.17 13.43 31.51
N ILE D 48 25.28 12.71 30.38
CA ILE D 48 24.76 11.31 30.22
C ILE D 48 25.97 10.38 30.03
N GLU D 49 25.81 9.12 30.41
CA GLU D 49 26.84 8.06 30.25
C GLU D 49 27.11 7.86 28.76
N TYR D 50 28.37 7.93 28.33
CA TYR D 50 28.76 7.64 26.92
C TYR D 50 28.48 6.16 26.63
N ARG D 51 27.89 5.91 25.47
CA ARG D 51 27.65 4.55 24.91
C ARG D 51 27.77 4.64 23.39
N ASN D 52 28.05 3.51 22.75
CA ASN D 52 28.09 3.33 21.27
C ASN D 52 27.39 2.00 20.94
N ASP D 53 26.54 2.00 19.91
CA ASP D 53 25.86 0.79 19.37
C ASP D 53 25.47 -0.13 20.53
N VAL D 54 24.41 0.23 21.25
CA VAL D 54 23.82 -0.58 22.37
C VAL D 54 22.53 -1.21 21.85
N PRO D 55 22.38 -2.56 21.93
CA PRO D 55 21.25 -3.23 21.28
C PRO D 55 19.93 -2.81 21.94
N PHE D 56 18.90 -2.57 21.13
CA PHE D 56 17.60 -2.04 21.60
C PHE D 56 17.03 -2.93 22.71
N ILE D 57 17.26 -4.24 22.65
CA ILE D 57 16.75 -5.19 23.69
C ILE D 57 17.39 -4.86 25.04
N ASP D 58 18.65 -4.43 25.07
CA ASP D 58 19.39 -4.09 26.30
C ASP D 58 18.79 -2.81 26.92
N ILE D 59 18.29 -1.89 26.08
CA ILE D 59 17.63 -0.63 26.51
C ILE D 59 16.30 -0.99 27.20
N ILE D 60 15.50 -1.85 26.57
CA ILE D 60 14.20 -2.34 27.12
C ILE D 60 14.44 -2.95 28.51
N LEU D 61 15.44 -3.84 28.63
CA LEU D 61 15.75 -4.56 29.91
C LEU D 61 16.27 -3.57 30.96
N ASP D 62 16.95 -2.50 30.55
CA ASP D 62 17.38 -1.41 31.46
C ASP D 62 16.15 -0.70 32.04
N ILE D 63 15.22 -0.26 31.20
CA ILE D 63 14.09 0.64 31.58
C ILE D 63 12.91 -0.17 32.13
N ARG D 64 12.76 -1.43 31.71
CA ARG D 64 11.64 -2.32 32.11
C ARG D 64 12.19 -3.71 32.40
N PRO D 65 12.96 -3.87 33.51
CA PRO D 65 13.66 -5.13 33.81
C PRO D 65 12.78 -6.36 34.11
N GLU D 66 11.46 -6.18 34.21
CA GLU D 66 10.47 -7.29 34.40
C GLU D 66 10.20 -7.99 33.05
N VAL D 67 10.52 -7.34 31.92
CA VAL D 67 10.34 -7.89 30.54
C VAL D 67 11.23 -9.13 30.36
N ASP D 68 10.68 -10.18 29.74
CA ASP D 68 11.41 -11.43 29.38
C ASP D 68 12.12 -11.21 28.05
N PRO D 69 13.47 -11.14 28.02
CA PRO D 69 14.20 -10.89 26.77
C PRO D 69 14.01 -12.00 25.74
N LEU D 70 13.65 -13.21 26.17
CA LEU D 70 13.48 -14.38 25.27
C LEU D 70 12.16 -14.29 24.49
N THR D 71 11.23 -13.41 24.87
CA THR D 71 9.87 -13.33 24.25
C THR D 71 9.59 -11.94 23.68
N ILE D 72 10.09 -10.85 24.29
CA ILE D 72 9.71 -9.46 23.88
C ILE D 72 9.93 -9.30 22.37
N ASP D 73 8.96 -8.67 21.68
CA ASP D 73 9.11 -8.29 20.25
C ASP D 73 9.74 -6.90 20.17
N ALA D 74 11.08 -6.86 20.06
CA ALA D 74 11.91 -5.63 20.04
C ALA D 74 12.52 -5.42 18.66
N PRO D 75 12.73 -4.16 18.23
CA PRO D 75 13.38 -3.89 16.94
C PRO D 75 14.87 -4.22 17.01
N HIS D 76 15.42 -4.80 15.93
CA HIS D 76 16.86 -5.14 15.80
C HIS D 76 17.61 -3.91 15.30
N ILE D 77 17.81 -2.91 16.18
CA ILE D 77 18.61 -1.68 15.93
C ILE D 77 19.53 -1.43 17.13
N THR D 78 20.66 -0.76 16.90
CA THR D 78 21.66 -0.42 17.97
C THR D 78 21.94 1.07 17.92
N PRO D 79 21.09 1.92 18.52
CA PRO D 79 21.34 3.37 18.53
C PRO D 79 22.59 3.69 19.34
N ASP D 80 23.26 4.79 19.00
CA ASP D 80 24.52 5.27 19.64
C ASP D 80 24.28 5.38 21.15
N ASN D 81 23.14 5.92 21.57
CA ASN D 81 22.85 6.18 23.00
C ASN D 81 21.33 6.28 23.21
N TYR D 82 20.91 6.47 24.47
CA TYR D 82 19.49 6.62 24.86
C TYR D 82 19.42 7.36 26.20
N LEU D 83 18.28 8.01 26.45
CA LEU D 83 17.96 8.65 27.75
C LEU D 83 16.52 8.29 28.13
N TYR D 84 16.34 7.69 29.31
CA TYR D 84 15.03 7.33 29.90
C TYR D 84 14.75 8.24 31.09
N ILE D 85 13.80 9.17 30.93
CA ILE D 85 13.48 10.23 31.92
C ILE D 85 11.97 10.51 31.87
N ASN D 86 11.30 10.45 33.03
CA ASN D 86 9.84 10.74 33.20
C ASN D 86 9.03 9.83 32.28
N ASN D 87 9.33 8.52 32.32
CA ASN D 87 8.73 7.46 31.48
C ASN D 87 8.65 7.92 30.02
N VAL D 88 9.72 8.53 29.51
CA VAL D 88 9.92 8.88 28.07
C VAL D 88 11.29 8.32 27.64
N LEU D 89 11.30 7.49 26.59
CA LEU D 89 12.55 6.91 26.02
C LEU D 89 13.00 7.80 24.86
N TYR D 90 14.11 8.51 25.03
CA TYR D 90 14.80 9.27 23.96
C TYR D 90 15.87 8.38 23.34
N ILE D 91 15.67 7.98 22.08
CA ILE D 91 16.69 7.25 21.27
C ILE D 91 17.58 8.30 20.61
N ILE D 92 18.87 8.28 20.92
CA ILE D 92 19.88 9.28 20.47
C ILE D 92 20.81 8.63 19.42
N ASP D 93 21.08 9.36 18.33
CA ASP D 93 22.17 8.99 17.37
CA ASP D 93 22.12 9.02 17.32
C ASP D 93 23.03 10.23 17.14
N TYR D 94 24.35 10.03 17.25
CA TYR D 94 25.37 11.08 16.97
C TYR D 94 25.61 11.11 15.45
N LYS D 95 25.56 12.30 14.85
CA LYS D 95 25.93 12.54 13.43
C LYS D 95 26.97 13.66 13.38
N VAL D 96 27.99 13.48 12.53
CA VAL D 96 28.93 14.54 12.09
C VAL D 96 28.76 14.65 10.57
N SER D 97 28.15 15.72 10.09
CA SER D 97 27.80 15.91 8.66
C SER D 97 27.45 17.38 8.38
N VAL D 98 27.89 17.88 7.22
CA VAL D 98 27.55 19.25 6.72
C VAL D 98 26.14 19.22 6.11
N SER D 99 25.58 18.02 5.92
CA SER D 99 24.23 17.79 5.33
C SER D 99 23.37 16.99 6.32
N ASN D 100 22.04 17.01 6.14
CA ASN D 100 21.05 16.36 7.05
C ASN D 100 20.59 15.02 6.46
N GLU D 101 21.14 14.63 5.31
CA GLU D 101 20.67 13.45 4.53
C GLU D 101 20.81 12.17 5.36
N SER D 102 21.96 11.98 6.02
CA SER D 102 22.25 10.78 6.86
C SER D 102 21.33 10.77 8.08
N SER D 103 21.02 11.96 8.63
CA SER D 103 20.09 12.16 9.77
C SER D 103 18.69 11.70 9.40
N VAL D 104 18.21 12.05 8.19
CA VAL D 104 16.84 11.72 7.70
C VAL D 104 16.70 10.19 7.55
N ILE D 105 17.70 9.54 6.95
CA ILE D 105 17.69 8.06 6.74
C ILE D 105 17.66 7.36 8.10
N THR D 106 18.54 7.75 9.05
CA THR D 106 18.60 7.18 10.42
C THR D 106 17.31 7.50 11.19
N TYR D 107 16.82 8.74 11.12
CA TYR D 107 15.57 9.16 11.80
C TYR D 107 14.40 8.26 11.35
N ASP D 108 14.12 8.25 10.04
CA ASP D 108 12.97 7.52 9.43
C ASP D 108 13.01 6.04 9.85
N LYS D 109 14.19 5.42 9.78
CA LYS D 109 14.40 3.99 10.13
C LYS D 109 14.04 3.76 11.60
N TYR D 110 14.67 4.53 12.50
CA TYR D 110 14.51 4.44 13.97
C TYR D 110 13.05 4.72 14.36
N TYR D 111 12.42 5.71 13.72
CA TYR D 111 11.03 6.13 14.01
C TYR D 111 10.07 4.99 13.65
N GLU D 112 10.26 4.40 12.47
CA GLU D 112 9.36 3.35 11.92
C GLU D 112 9.48 2.08 12.79
N LEU D 113 10.71 1.70 13.16
CA LEU D 113 11.02 0.42 13.83
C LEU D 113 10.75 0.50 15.34
N THR D 114 10.45 1.67 15.91
CA THR D 114 10.19 1.84 17.37
C THR D 114 8.69 2.03 17.66
N ARG D 115 7.85 2.22 16.63
CA ARG D 115 6.39 2.49 16.82
C ARG D 115 5.74 1.32 17.57
N ASP D 116 5.88 0.09 17.07
CA ASP D 116 5.28 -1.12 17.68
C ASP D 116 5.65 -1.20 19.15
N ILE D 117 6.95 -1.14 19.48
CA ILE D 117 7.48 -1.37 20.86
C ILE D 117 7.04 -0.22 21.80
N SER D 118 6.93 1.01 21.28
CA SER D 118 6.34 2.17 22.00
C SER D 118 4.95 1.79 22.54
N ASP D 119 4.11 1.20 21.68
CA ASP D 119 2.72 0.78 22.03
C ASP D 119 2.76 -0.37 23.04
N ARG D 120 3.60 -1.37 22.83
CA ARG D 120 3.69 -2.59 23.68
C ARG D 120 4.05 -2.20 25.12
N LEU D 121 4.96 -1.24 25.30
CA LEU D 121 5.47 -0.80 26.63
C LEU D 121 4.60 0.32 27.21
N SER D 122 3.78 0.98 26.38
CA SER D 122 3.06 2.24 26.71
C SER D 122 4.07 3.31 27.13
N ILE D 123 5.21 3.37 26.44
CA ILE D 123 6.30 4.37 26.66
C ILE D 123 6.48 5.15 25.37
N PRO D 124 6.26 6.49 25.37
CA PRO D 124 6.55 7.29 24.17
C PRO D 124 8.04 7.14 23.86
N ILE D 125 8.37 6.95 22.59
CA ILE D 125 9.78 6.85 22.10
C ILE D 125 10.02 8.02 21.15
N GLU D 126 10.95 8.91 21.52
CA GLU D 126 11.34 10.11 20.74
C GLU D 126 12.70 9.84 20.08
N ILE D 127 12.76 9.88 18.75
CA ILE D 127 14.03 9.69 18.00
C ILE D 127 14.73 11.05 17.95
N VAL D 128 15.93 11.13 18.53
CA VAL D 128 16.74 12.37 18.64
C VAL D 128 18.02 12.18 17.82
N ILE D 129 18.11 12.86 16.67
CA ILE D 129 19.35 12.91 15.84
C ILE D 129 20.10 14.18 16.22
N ILE D 130 21.25 14.02 16.89
CA ILE D 130 22.14 15.15 17.30
C ILE D 130 23.28 15.23 16.27
N ARG D 131 23.20 16.20 15.36
CA ARG D 131 24.20 16.42 14.29
C ARG D 131 25.00 17.69 14.58
N ILE D 132 26.33 17.61 14.52
CA ILE D 132 27.25 18.79 14.49
C ILE D 132 27.78 18.94 13.05
N ASP D 133 27.70 20.15 12.52
CA ASP D 133 28.31 20.56 11.23
C ASP D 133 29.81 20.73 11.48
N PRO D 134 30.69 19.86 10.92
CA PRO D 134 32.11 19.89 11.27
C PRO D 134 32.81 21.19 10.83
N VAL D 135 32.22 21.92 9.87
CA VAL D 135 32.74 23.21 9.35
C VAL D 135 32.35 24.32 10.36
N SER D 136 31.06 24.63 10.47
CA SER D 136 30.51 25.75 11.29
C SER D 136 30.55 25.41 12.79
N ARG D 137 30.62 24.13 13.15
CA ARG D 137 30.58 23.61 14.54
C ARG D 137 29.20 23.83 15.16
N ASP D 138 28.17 24.10 14.33
CA ASP D 138 26.78 24.31 14.79
C ASP D 138 26.17 22.96 15.17
N LEU D 139 25.47 22.91 16.31
CA LEU D 139 24.72 21.73 16.79
C LEU D 139 23.27 21.85 16.31
N HIS D 140 22.78 20.85 15.59
CA HIS D 140 21.38 20.73 15.10
C HIS D 140 20.75 19.50 15.73
N ILE D 141 19.62 19.68 16.42
CA ILE D 141 18.81 18.60 17.04
C ILE D 141 17.38 18.74 16.51
N ASN D 142 16.80 17.64 16.02
CA ASN D 142 15.44 17.63 15.40
C ASN D 142 14.39 17.78 16.50
N SER D 143 14.58 17.12 17.64
CA SER D 143 13.55 16.95 18.71
C SER D 143 13.42 18.23 19.55
N ASP D 144 12.31 18.95 19.38
CA ASP D 144 11.90 20.07 20.27
C ASP D 144 11.71 19.52 21.68
N ARG D 145 11.16 18.30 21.80
CA ARG D 145 10.88 17.66 23.11
C ARG D 145 12.20 17.46 23.87
N PHE D 146 13.22 16.90 23.20
CA PHE D 146 14.55 16.64 23.82
C PHE D 146 15.21 17.99 24.21
N LYS D 147 15.03 19.02 23.38
CA LYS D 147 15.65 20.35 23.58
C LYS D 147 14.95 21.09 24.73
N GLU D 148 13.67 20.78 25.01
CA GLU D 148 12.95 21.30 26.21
C GLU D 148 13.67 20.80 27.46
N LEU D 149 14.11 19.53 27.48
CA LEU D 149 14.84 18.93 28.63
C LEU D 149 16.19 19.64 28.82
N TYR D 150 16.86 20.00 27.72
CA TYR D 150 18.25 20.54 27.75
C TYR D 150 18.26 21.98 27.29
N PRO D 151 18.52 22.94 28.21
CA PRO D 151 18.23 24.36 27.97
C PRO D 151 18.99 24.85 26.72
N THR D 152 20.32 24.97 26.82
CA THR D 152 21.25 25.13 25.67
C THR D 152 22.38 24.14 25.85
N ILE D 153 22.62 23.31 24.82
CA ILE D 153 23.77 22.38 24.74
C ILE D 153 24.95 23.15 24.12
N VAL D 154 26.11 23.14 24.78
CA VAL D 154 27.36 23.75 24.24
C VAL D 154 28.44 22.66 24.23
N VAL D 155 28.64 22.01 23.08
CA VAL D 155 29.78 21.10 22.81
C VAL D 155 30.81 21.91 22.04
N ASP D 156 31.72 22.58 22.76
CA ASP D 156 32.73 23.51 22.19
C ASP D 156 33.97 22.71 21.82
N ILE D 157 34.01 22.19 20.59
CA ILE D 157 35.12 21.36 20.03
C ILE D 157 35.37 21.77 18.58
N ASN D 158 36.44 21.26 17.99
CA ASN D 158 36.73 21.34 16.53
C ASN D 158 37.30 20.01 16.07
N PHE D 159 37.27 19.74 14.77
CA PHE D 159 37.78 18.50 14.14
C PHE D 159 39.01 18.82 13.30
N ASN D 160 39.77 19.86 13.69
CA ASN D 160 40.98 20.37 12.98
C ASN D 160 42.00 19.24 12.82
N GLN D 161 42.28 18.50 13.89
CA GLN D 161 43.21 17.34 13.87
C GLN D 161 42.77 16.35 12.79
N PHE D 162 41.46 16.09 12.69
CA PHE D 162 40.84 15.18 11.71
C PHE D 162 41.01 15.75 10.29
N PHE D 163 40.75 17.05 10.11
CA PHE D 163 40.95 17.77 8.83
C PHE D 163 42.42 17.64 8.40
N ASP D 164 43.37 17.85 9.34
CA ASP D 164 44.83 17.78 9.10
C ASP D 164 45.26 16.37 8.68
N LEU D 165 44.77 15.34 9.38
CA LEU D 165 45.14 13.92 9.10
C LEU D 165 44.62 13.53 7.71
N LYS D 166 43.46 14.05 7.30
CA LYS D 166 42.87 13.81 5.96
C LYS D 166 43.67 14.58 4.91
N GLN D 167 44.17 15.77 5.27
CA GLN D 167 45.03 16.62 4.41
C GLN D 167 46.28 15.83 4.01
N LEU D 168 46.95 15.20 4.99
CA LEU D 168 48.17 14.38 4.81
C LEU D 168 47.85 13.18 3.90
N LEU D 169 46.79 12.44 4.23
CA LEU D 169 46.33 11.25 3.46
C LEU D 169 46.15 11.61 1.98
N TYR D 170 45.43 12.70 1.68
CA TYR D 170 45.07 13.09 0.29
C TYR D 170 46.29 13.70 -0.43
N GLU D 171 47.28 14.20 0.32
CA GLU D 171 48.57 14.68 -0.24
C GLU D 171 49.36 13.48 -0.77
N LYS D 172 49.34 12.35 -0.05
CA LYS D 172 50.12 11.14 -0.39
C LYS D 172 49.43 10.35 -1.51
N PHE D 173 48.09 10.31 -1.53
CA PHE D 173 47.29 9.41 -2.40
C PHE D 173 46.44 10.19 -3.41
N GLY D 174 46.62 11.52 -3.50
CA GLY D 174 45.83 12.42 -4.36
C GLY D 174 45.98 12.15 -5.85
N ASP D 175 47.02 11.43 -6.28
CA ASP D 175 47.25 11.10 -7.72
C ASP D 175 46.97 9.61 -7.97
N ASP D 176 46.45 8.90 -6.96
CA ASP D 176 46.02 7.48 -7.07
C ASP D 176 44.53 7.47 -7.43
N GLU D 177 44.22 7.21 -8.71
CA GLU D 177 42.82 7.13 -9.23
C GLU D 177 42.06 6.06 -8.44
N GLU D 178 42.74 4.96 -8.09
CA GLU D 178 42.13 3.81 -7.38
C GLU D 178 41.65 4.26 -6.00
N PHE D 179 42.42 5.13 -5.33
CA PHE D 179 42.06 5.74 -4.02
C PHE D 179 40.87 6.70 -4.19
N LEU D 180 41.01 7.67 -5.10
CA LEU D 180 40.04 8.78 -5.31
C LEU D 180 38.64 8.24 -5.65
N LEU D 181 38.53 7.06 -6.26
CA LEU D 181 37.23 6.45 -6.69
C LEU D 181 36.86 5.24 -5.82
N LYS D 182 37.62 4.93 -4.76
CA LYS D 182 37.36 3.76 -3.88
C LYS D 182 36.26 4.11 -2.87
N VAL D 183 35.38 3.13 -2.58
CA VAL D 183 34.27 3.24 -1.59
C VAL D 183 34.47 2.19 -0.50
N ALA D 184 33.82 2.39 0.66
CA ALA D 184 33.77 1.49 1.83
C ALA D 184 35.15 0.85 2.07
#